data_3NFP
#
_entry.id   3NFP
#
_cell.length_a   102.167
_cell.length_b   114.973
_cell.length_c   247.555
_cell.angle_alpha   90.000
_cell.angle_beta   90.000
_cell.angle_gamma   90.000
#
_symmetry.space_group_name_H-M   'C 2 2 21'
#
loop_
_entity.id
_entity.type
_entity.pdbx_description
1 polymer 'Heavy chain of Fab fragment of daclizumab'
2 polymer 'Light chain of Fab fragment of daclizumab'
3 polymer 'Interleukin-2 receptor subunit alpha'
4 water water
#
loop_
_entity_poly.entity_id
_entity_poly.type
_entity_poly.pdbx_seq_one_letter_code
_entity_poly.pdbx_strand_id
1 'polypeptide(L)'
;QVQLVQSGAEVKKPGSSVKVSCKASGYTFTSYRMHWVRQAPGQGLEWIGYINPSTGYTEYNQKFKDKATITADESTNTAY
MELSSLRSEDTAVYYCARGGGVFDYWGQGTLVTVSSASTKGPSVFPLAPSSKSTSGGTAALGCLVKDYFPEPVTVSWNSG
ALTSGVHTFPAVLQSSGLYSLSSVVTVPSSSLGTQTYICNVNHKPSNTKVDKKVEP
;
A,H
2 'polypeptide(L)'
;DIQMTQSPSTLSASVGDRVTITCSASSSISYMHWYQQKPGKAPKLLIYTTSNLASGVPARFSGSGSGTEFTLTISSLQPD
DFATYYCHQRSTYPLTFGQGTKVEVKRTVAAPSVFIFPPSDEQLKSGTASVVCLLNNFYPREAKVQWKVDNALQSGNSQE
SVTEQDSKDSTYSLSSTLTLSKADYEKHKVYACEVTHQGLSSPVTKSFNRGE
;
B,L
3 'polypeptide(L)'
;ELCDDDPPEIPHATFKAMAYKEGTMLNCECKRGFRRIKSGSLYMLCTGNSSHSSWDNQCQCTSSATRNTTKQVTPQPEEQ
KERKTTEMQSPMQPVDQASLPGHCREPPPWENEATERIYHFVVGQMVYYQCVQGYRALHRGPAESVCKMTHGKTRWTQPQ
LICTGEMETSQFPGEEKPQASPEGRPESETSCLVTTTDFQIQTEMAATMETSIFTTEHHHHHH
;
I,K
#
# COMPACT_ATOMS: atom_id res chain seq x y z
N GLN A 1 23.47 -20.17 33.93
CA GLN A 1 23.81 -19.61 35.28
C GLN A 1 22.91 -18.45 35.67
N VAL A 2 23.49 -17.45 36.36
CA VAL A 2 22.78 -16.24 36.75
C VAL A 2 22.28 -15.47 35.52
N GLN A 3 20.98 -15.17 35.53
CA GLN A 3 20.31 -14.58 34.40
C GLN A 3 19.19 -13.66 34.87
N LEU A 4 19.18 -12.43 34.39
CA LEU A 4 18.10 -11.50 34.69
C LEU A 4 17.35 -11.04 33.44
N VAL A 5 16.05 -11.33 33.40
CA VAL A 5 15.21 -11.06 32.22
C VAL A 5 14.29 -9.86 32.47
N GLN A 6 14.33 -8.90 31.54
CA GLN A 6 13.54 -7.65 31.64
C GLN A 6 12.27 -7.66 30.79
N SER A 7 11.34 -6.77 31.12
CA SER A 7 10.07 -6.63 30.38
C SER A 7 10.23 -5.90 29.05
N GLY A 8 9.27 -6.13 28.14
CA GLY A 8 9.32 -5.58 26.78
C GLY A 8 9.28 -4.07 26.66
N ALA A 9 9.55 -3.59 25.44
CA ALA A 9 9.57 -2.16 25.14
C ALA A 9 8.20 -1.51 25.31
N GLU A 10 8.20 -0.22 25.64
CA GLU A 10 6.97 0.53 25.89
C GLU A 10 6.93 1.88 25.16
N VAL A 11 5.73 2.28 24.74
CA VAL A 11 5.50 3.60 24.15
C VAL A 11 4.48 4.36 25.00
N LYS A 12 4.89 5.52 25.53
CA LYS A 12 4.04 6.26 26.46
C LYS A 12 3.72 7.71 26.05
N LYS A 13 2.54 8.17 26.45
CA LYS A 13 2.06 9.52 26.21
C LYS A 13 2.60 10.48 27.29
N PRO A 14 2.90 11.74 26.93
CA PRO A 14 3.41 12.69 27.92
C PRO A 14 2.52 12.84 29.15
N GLY A 15 3.15 12.89 30.32
CA GLY A 15 2.42 13.05 31.59
C GLY A 15 1.94 11.76 32.22
N SER A 16 2.13 10.64 31.53
CA SER A 16 1.68 9.33 32.04
C SER A 16 2.75 8.71 32.95
N SER A 17 2.61 7.40 33.20
CA SER A 17 3.56 6.65 34.04
C SER A 17 3.65 5.19 33.61
N VAL A 18 4.85 4.61 33.75
CA VAL A 18 5.10 3.22 33.37
C VAL A 18 5.92 2.46 34.43
N LYS A 19 5.76 1.15 34.49
CA LYS A 19 6.43 0.30 35.48
C LYS A 19 7.17 -0.88 34.82
N VAL A 20 8.47 -1.00 35.13
CA VAL A 20 9.36 -1.97 34.47
C VAL A 20 9.77 -3.14 35.38
N SER A 21 9.80 -4.35 34.82
CA SER A 21 10.15 -5.57 35.55
C SER A 21 11.54 -6.07 35.22
N CYS A 22 12.08 -6.91 36.10
CA CYS A 22 13.38 -7.55 35.97
C CYS A 22 13.35 -8.80 36.85
N LYS A 23 13.16 -9.96 36.23
CA LYS A 23 13.11 -11.24 36.98
C LYS A 23 14.48 -11.91 37.06
N ALA A 24 14.79 -12.52 38.20
CA ALA A 24 16.13 -13.04 38.48
C ALA A 24 16.18 -14.56 38.71
N SER A 25 17.32 -15.16 38.36
CA SER A 25 17.59 -16.59 38.58
C SER A 25 19.08 -16.87 38.79
N GLY A 26 19.39 -18.08 39.25
CA GLY A 26 20.77 -18.55 39.37
C GLY A 26 21.51 -18.11 40.61
N TYR A 27 20.78 -17.54 41.57
CA TYR A 27 21.33 -17.10 42.85
C TYR A 27 20.21 -16.83 43.86
N THR A 28 20.57 -16.63 45.13
CA THR A 28 19.57 -16.36 46.17
C THR A 28 19.20 -14.88 46.22
N PHE A 29 17.93 -14.59 45.97
CA PHE A 29 17.45 -13.23 45.67
C PHE A 29 17.79 -12.12 46.69
N THR A 30 17.53 -12.37 47.97
CA THR A 30 17.61 -11.30 48.98
C THR A 30 19.00 -10.97 49.50
N SER A 31 20.01 -11.73 49.06
CA SER A 31 21.40 -11.54 49.49
C SER A 31 22.15 -10.42 48.73
N TYR A 32 21.52 -9.88 47.69
CA TYR A 32 22.17 -8.87 46.83
C TYR A 32 21.24 -7.69 46.56
N ARG A 33 21.83 -6.50 46.44
CA ARG A 33 21.10 -5.33 46.00
C ARG A 33 20.93 -5.35 44.48
N MET A 34 19.93 -4.65 43.97
CA MET A 34 19.78 -4.46 42.53
C MET A 34 19.86 -2.97 42.19
N HIS A 35 20.64 -2.63 41.17
CA HIS A 35 20.80 -1.25 40.70
C HIS A 35 20.07 -1.01 39.38
N TRP A 36 19.80 0.27 39.08
CA TRP A 36 19.23 0.65 37.79
C TRP A 36 20.10 1.73 37.12
N VAL A 37 20.17 1.67 35.78
CA VAL A 37 20.99 2.58 34.97
C VAL A 37 20.28 2.87 33.64
N ARG A 38 20.36 4.12 33.16
CA ARG A 38 19.85 4.43 31.81
C ARG A 38 20.90 5.00 30.84
N GLN A 39 20.70 4.70 29.56
CA GLN A 39 21.58 5.16 28.49
C GLN A 39 20.80 5.90 27.41
N ALA A 40 20.87 7.23 27.45
CA ALA A 40 20.19 8.08 26.47
C ALA A 40 20.91 8.02 25.12
N PRO A 41 20.17 8.18 24.00
CA PRO A 41 20.78 8.16 22.66
C PRO A 41 21.82 9.27 22.49
N GLY A 42 23.03 8.87 22.12
CA GLY A 42 24.15 9.81 22.00
C GLY A 42 24.85 10.07 23.32
N GLN A 43 24.06 10.28 24.37
CA GLN A 43 24.57 10.53 25.73
C GLN A 43 25.19 9.26 26.33
N GLY A 44 25.95 9.43 27.42
CA GLY A 44 26.65 8.32 28.06
C GLY A 44 25.80 7.46 28.99
N LEU A 45 26.39 7.04 30.09
CA LEU A 45 25.72 6.20 31.09
C LEU A 45 25.47 6.95 32.40
N GLU A 46 24.31 6.73 32.99
CA GLU A 46 23.89 7.45 34.21
C GLU A 46 23.24 6.54 35.25
N TRP A 47 23.73 6.63 36.48
CA TRP A 47 23.28 5.77 37.59
C TRP A 47 22.11 6.37 38.36
N ILE A 48 21.02 5.61 38.48
CA ILE A 48 19.81 6.06 39.18
C ILE A 48 19.87 5.80 40.71
N GLY A 49 19.96 4.53 41.10
CA GLY A 49 19.95 4.14 42.52
C GLY A 49 19.81 2.64 42.74
N TYR A 50 19.58 2.23 44.00
CA TYR A 50 19.44 0.82 44.36
C TYR A 50 18.33 0.49 45.38
N ILE A 51 18.07 -0.81 45.57
CA ILE A 51 17.19 -1.33 46.63
C ILE A 51 17.79 -2.58 47.29
N ASN A 52 17.46 -2.80 48.56
CA ASN A 52 17.82 -4.00 49.31
C ASN A 52 16.56 -4.79 49.71
N PRO A 53 16.32 -5.95 49.06
CA PRO A 53 15.13 -6.77 49.30
C PRO A 53 14.92 -7.27 50.74
N SER A 54 15.99 -7.33 51.53
CA SER A 54 15.87 -7.67 52.95
C SER A 54 15.10 -6.58 53.70
N THR A 55 15.53 -5.33 53.53
CA THR A 55 14.95 -4.20 54.26
C THR A 55 13.82 -3.51 53.49
N GLY A 56 14.12 -3.13 52.25
CA GLY A 56 13.20 -2.34 51.41
C GLY A 56 13.72 -0.92 51.24
N TYR A 57 14.91 -0.67 51.79
CA TYR A 57 15.52 0.66 51.79
C TYR A 57 16.10 1.04 50.43
N THR A 58 15.95 2.32 50.07
CA THR A 58 16.42 2.82 48.78
C THR A 58 17.37 4.00 48.91
N GLU A 59 18.28 4.12 47.95
CA GLU A 59 19.16 5.28 47.83
C GLU A 59 19.09 5.79 46.39
N TYR A 60 19.20 7.10 46.19
CA TYR A 60 19.12 7.73 44.87
C TYR A 60 20.22 8.76 44.67
N ASN A 61 20.34 9.28 43.46
CA ASN A 61 21.20 10.43 43.22
C ASN A 61 20.38 11.71 43.08
N GLN A 62 21.06 12.85 43.20
CA GLN A 62 20.43 14.17 43.18
C GLN A 62 20.04 14.59 41.76
N LYS A 63 19.32 13.71 41.07
CA LYS A 63 18.81 13.97 39.73
C LYS A 63 17.44 13.34 39.61
N PHE A 64 17.38 12.03 39.89
CA PHE A 64 16.17 11.25 39.75
C PHE A 64 15.48 11.06 41.10
N LYS A 65 15.64 12.04 41.99
CA LYS A 65 15.04 12.00 43.32
C LYS A 65 13.51 11.84 43.31
N ASP A 66 12.84 12.77 42.62
CA ASP A 66 11.39 12.77 42.58
C ASP A 66 10.87 12.27 41.21
N LYS A 67 11.68 11.48 40.52
CA LYS A 67 11.31 10.96 39.19
C LYS A 67 11.19 9.43 39.14
N ALA A 68 11.91 8.74 40.02
CA ALA A 68 11.91 7.28 40.05
C ALA A 68 11.71 6.70 41.44
N THR A 69 11.12 5.51 41.50
CA THR A 69 10.92 4.79 42.76
C THR A 69 11.17 3.30 42.58
N ILE A 70 12.28 2.82 43.13
CA ILE A 70 12.65 1.40 43.07
C ILE A 70 11.81 0.57 44.05
N THR A 71 11.38 -0.61 43.61
CA THR A 71 10.56 -1.51 44.43
C THR A 71 10.86 -2.98 44.12
N ALA A 72 10.58 -3.88 45.07
CA ALA A 72 10.83 -5.32 44.88
C ALA A 72 10.01 -6.23 45.81
N ASP A 73 9.96 -7.51 45.50
CA ASP A 73 9.34 -8.50 46.39
C ASP A 73 9.99 -9.89 46.29
N GLU A 74 10.34 -10.44 47.45
CA GLU A 74 11.02 -11.73 47.55
C GLU A 74 10.15 -12.93 47.17
N SER A 75 8.83 -12.75 47.23
CA SER A 75 7.89 -13.83 46.93
C SER A 75 7.96 -14.32 45.48
N THR A 76 8.27 -13.42 44.55
CA THR A 76 8.28 -13.77 43.13
C THR A 76 9.62 -13.51 42.42
N ASN A 77 10.62 -13.05 43.16
CA ASN A 77 11.98 -12.86 42.66
C ASN A 77 12.14 -11.82 41.55
N THR A 78 11.45 -10.68 41.68
CA THR A 78 11.52 -9.63 40.68
C THR A 78 11.72 -8.24 41.31
N ALA A 79 12.40 -7.35 40.59
CA ALA A 79 12.56 -5.97 41.02
C ALA A 79 11.84 -5.03 40.05
N TYR A 80 11.31 -3.93 40.58
CA TYR A 80 10.56 -2.96 39.78
C TYR A 80 11.15 -1.56 39.83
N MET A 81 10.73 -0.72 38.88
CA MET A 81 11.19 0.67 38.77
C MET A 81 10.17 1.51 38.01
N GLU A 82 9.45 2.38 38.71
CA GLU A 82 8.39 3.19 38.09
C GLU A 82 8.84 4.64 37.82
N LEU A 83 8.49 5.13 36.63
CA LEU A 83 8.79 6.51 36.23
C LEU A 83 7.53 7.38 36.28
N SER A 84 7.64 8.55 36.89
CA SER A 84 6.47 9.31 37.38
C SER A 84 5.70 10.15 36.34
N SER A 85 6.31 11.24 35.87
CA SER A 85 5.66 12.11 34.90
C SER A 85 6.51 12.22 33.64
N LEU A 86 6.16 11.43 32.64
CA LEU A 86 7.01 11.25 31.46
C LEU A 86 7.14 12.49 30.58
N ARG A 87 8.39 12.78 30.22
CA ARG A 87 8.72 13.83 29.26
C ARG A 87 9.51 13.21 28.11
N SER A 88 9.66 13.93 27.01
CA SER A 88 10.43 13.46 25.85
C SER A 88 11.90 13.25 26.18
N GLU A 89 12.40 14.01 27.16
CA GLU A 89 13.80 13.92 27.61
C GLU A 89 14.10 12.62 28.36
N ASP A 90 13.05 11.89 28.76
CA ASP A 90 13.19 10.63 29.48
C ASP A 90 13.46 9.41 28.58
N THR A 91 13.34 9.61 27.26
CA THR A 91 13.51 8.52 26.29
C THR A 91 14.91 7.92 26.33
N ALA A 92 14.98 6.60 26.58
CA ALA A 92 16.26 5.88 26.72
C ALA A 92 16.08 4.36 26.89
N VAL A 93 17.19 3.65 26.99
CA VAL A 93 17.19 2.23 27.35
C VAL A 93 17.50 2.09 28.84
N TYR A 94 16.72 1.28 29.54
CA TYR A 94 16.85 1.10 30.98
C TYR A 94 17.31 -0.31 31.37
N TYR A 95 18.46 -0.38 32.06
CA TYR A 95 19.06 -1.65 32.50
C TYR A 95 18.91 -1.90 34.01
N CYS A 96 18.57 -3.14 34.37
CA CYS A 96 18.79 -3.59 35.74
C CYS A 96 20.15 -4.31 35.83
N ALA A 97 20.94 -3.97 36.85
CA ALA A 97 22.24 -4.61 37.07
C ALA A 97 22.39 -5.04 38.53
N ARG A 98 22.82 -6.29 38.73
CA ARG A 98 22.96 -6.83 40.08
C ARG A 98 24.13 -6.21 40.84
N GLY A 99 23.97 -6.03 42.14
CA GLY A 99 24.99 -5.43 42.99
C GLY A 99 25.96 -6.45 43.56
N GLY A 100 26.69 -6.03 44.60
CA GLY A 100 27.68 -6.90 45.27
C GLY A 100 29.13 -6.52 45.00
N GLY A 101 29.33 -5.47 44.22
CA GLY A 101 30.66 -5.02 43.81
C GLY A 101 30.60 -4.25 42.50
N VAL A 102 31.62 -4.41 41.67
CA VAL A 102 31.64 -3.85 40.32
C VAL A 102 30.53 -4.52 39.51
N PHE A 103 29.92 -3.77 38.58
CA PHE A 103 28.83 -4.31 37.76
C PHE A 103 29.35 -5.40 36.82
N ASP A 104 28.62 -6.52 36.75
CA ASP A 104 29.03 -7.67 35.95
C ASP A 104 27.87 -8.38 35.24
N TYR A 105 26.79 -8.66 35.97
CA TYR A 105 25.60 -9.27 35.37
C TYR A 105 24.54 -8.21 35.09
N TRP A 106 24.26 -7.98 33.81
CA TRP A 106 23.24 -7.02 33.42
C TRP A 106 22.05 -7.76 32.79
N GLY A 107 20.92 -7.06 32.70
CA GLY A 107 19.76 -7.55 31.96
C GLY A 107 19.87 -7.25 30.47
N GLN A 108 18.82 -7.59 29.73
CA GLN A 108 18.77 -7.35 28.28
C GLN A 108 18.62 -5.86 27.93
N GLY A 109 17.77 -5.17 28.66
CA GLY A 109 17.44 -3.76 28.41
C GLY A 109 15.96 -3.59 28.12
N THR A 110 15.44 -2.40 28.38
CA THR A 110 14.04 -2.07 28.10
C THR A 110 13.91 -0.67 27.51
N LEU A 111 13.26 -0.57 26.35
CA LEU A 111 13.08 0.71 25.67
C LEU A 111 11.81 1.40 26.15
N VAL A 112 11.93 2.70 26.43
CA VAL A 112 10.77 3.54 26.74
C VAL A 112 10.80 4.77 25.82
N THR A 113 9.79 4.87 24.96
CA THR A 113 9.66 6.00 24.03
C THR A 113 8.48 6.87 24.45
N VAL A 114 8.74 8.16 24.62
CA VAL A 114 7.72 9.11 25.08
C VAL A 114 7.49 10.24 24.08
N SER A 115 6.30 10.24 23.46
CA SER A 115 5.86 11.34 22.58
C SER A 115 4.33 11.40 22.45
N SER A 116 3.85 12.54 21.95
CA SER A 116 2.43 12.84 21.84
C SER A 116 1.72 12.09 20.72
N ALA A 117 2.46 11.79 19.65
CA ALA A 117 1.90 11.14 18.45
C ALA A 117 1.27 9.76 18.68
N SER A 118 0.55 9.27 17.68
CA SER A 118 -0.13 7.97 17.74
C SER A 118 0.14 7.16 16.47
N THR A 119 -0.20 5.88 16.49
CA THR A 119 0.09 4.98 15.36
C THR A 119 -0.30 5.59 14.02
N LYS A 120 0.59 5.44 13.04
CA LYS A 120 0.45 6.09 11.74
C LYS A 120 1.15 5.30 10.65
N GLY A 121 0.41 4.97 9.61
CA GLY A 121 0.94 4.26 8.45
C GLY A 121 1.89 5.11 7.62
N PRO A 122 2.79 4.44 6.86
CA PRO A 122 3.80 5.13 6.03
C PRO A 122 3.30 5.49 4.62
N SER A 123 3.99 6.43 3.98
CA SER A 123 3.71 6.84 2.61
C SER A 123 4.95 6.62 1.73
N VAL A 124 4.78 5.88 0.63
CA VAL A 124 5.90 5.40 -0.19
C VAL A 124 6.02 6.06 -1.57
N PHE A 125 7.12 6.76 -1.80
CA PHE A 125 7.40 7.41 -3.08
C PHE A 125 8.68 6.86 -3.71
N PRO A 126 8.68 6.65 -5.04
CA PRO A 126 9.88 6.15 -5.73
C PRO A 126 10.88 7.25 -6.09
N LEU A 127 12.13 6.84 -6.30
CA LEU A 127 13.22 7.74 -6.69
C LEU A 127 13.83 7.24 -8.00
N ALA A 128 13.40 7.83 -9.11
CA ALA A 128 13.75 7.38 -10.46
C ALA A 128 15.19 7.73 -10.85
N PRO A 129 15.89 6.77 -11.52
CA PRO A 129 17.33 6.88 -11.82
C PRO A 129 17.72 8.05 -12.72
N SER A 133 18.65 6.25 -17.78
CA SER A 133 19.93 6.61 -18.42
C SER A 133 20.57 5.38 -19.05
N THR A 134 19.78 4.64 -19.84
CA THR A 134 20.16 3.32 -20.34
C THR A 134 21.27 3.29 -21.43
N SER A 135 22.29 4.12 -21.26
CA SER A 135 23.46 4.13 -22.16
C SER A 135 24.75 4.59 -21.45
N GLY A 136 25.60 3.62 -21.12
CA GLY A 136 26.90 3.88 -20.47
C GLY A 136 26.78 4.27 -19.01
N GLY A 137 27.73 3.80 -18.21
CA GLY A 137 27.82 4.19 -16.79
C GLY A 137 26.92 3.43 -15.84
N THR A 138 26.98 3.82 -14.56
CA THR A 138 26.24 3.15 -13.47
C THR A 138 25.13 4.05 -12.93
N ALA A 139 23.95 3.47 -12.74
CA ALA A 139 22.77 4.19 -12.23
C ALA A 139 22.35 3.73 -10.82
N ALA A 140 21.59 4.58 -10.13
CA ALA A 140 21.02 4.25 -8.82
C ALA A 140 19.54 4.64 -8.73
N LEU A 141 18.81 3.93 -7.87
CA LEU A 141 17.37 4.17 -7.61
C LEU A 141 16.96 3.62 -6.25
N GLY A 142 15.80 4.05 -5.75
CA GLY A 142 15.29 3.55 -4.47
C GLY A 142 13.89 4.00 -4.09
N CYS A 143 13.47 3.64 -2.88
CA CYS A 143 12.17 4.02 -2.33
C CYS A 143 12.34 5.03 -1.19
N LEU A 144 11.34 5.90 -1.04
CA LEU A 144 11.29 6.82 0.09
C LEU A 144 10.08 6.50 0.95
N VAL A 145 10.31 6.33 2.25
CA VAL A 145 9.25 5.98 3.20
C VAL A 145 9.12 7.11 4.22
N LYS A 146 7.95 7.74 4.29
CA LYS A 146 7.79 8.97 5.07
C LYS A 146 6.53 8.99 5.94
N ASP A 147 6.55 9.83 6.98
CA ASP A 147 5.40 10.12 7.84
C ASP A 147 4.78 8.86 8.49
N TYR A 148 5.54 8.23 9.38
CA TYR A 148 5.07 7.06 10.13
C TYR A 148 5.51 7.11 11.62
N PHE A 149 4.77 6.39 12.47
CA PHE A 149 5.07 6.27 13.91
C PHE A 149 4.39 5.02 14.47
N PRO A 150 5.09 4.27 15.34
CA PRO A 150 6.49 4.40 15.70
C PRO A 150 7.35 3.37 14.94
N GLU A 151 8.59 3.21 15.35
CA GLU A 151 9.53 2.29 14.72
C GLU A 151 9.26 0.85 15.18
N PRO A 152 9.77 -0.17 14.43
CA PRO A 152 10.57 -0.14 13.20
C PRO A 152 9.80 -0.44 11.90
N VAL A 153 10.51 -0.34 10.78
CA VAL A 153 9.98 -0.62 9.44
C VAL A 153 11.03 -1.39 8.61
N THR A 154 10.59 -2.36 7.82
CA THR A 154 11.53 -3.20 7.04
C THR A 154 11.37 -3.05 5.52
N VAL A 155 12.50 -2.99 4.82
CA VAL A 155 12.51 -2.84 3.37
C VAL A 155 13.25 -4.01 2.71
N SER A 156 12.69 -4.51 1.61
CA SER A 156 13.27 -5.61 0.83
C SER A 156 13.16 -5.33 -0.66
N TRP A 157 14.01 -5.97 -1.47
CA TRP A 157 13.97 -5.81 -2.93
C TRP A 157 13.73 -7.14 -3.66
N ASN A 158 12.63 -7.18 -4.43
CA ASN A 158 12.24 -8.38 -5.20
C ASN A 158 12.10 -9.64 -4.34
N SER A 159 11.50 -9.50 -3.16
CA SER A 159 11.29 -10.59 -2.21
C SER A 159 12.60 -11.22 -1.69
N GLY A 160 13.56 -10.36 -1.38
CA GLY A 160 14.89 -10.80 -0.92
C GLY A 160 15.75 -11.50 -1.96
N ALA A 161 15.45 -11.27 -3.23
CA ALA A 161 16.20 -11.90 -4.33
C ALA A 161 17.57 -11.27 -4.58
N LEU A 162 17.66 -9.94 -4.47
CA LEU A 162 18.94 -9.23 -4.67
C LEU A 162 19.38 -8.42 -3.45
N THR A 163 20.67 -8.53 -3.13
CA THR A 163 21.25 -7.87 -1.96
C THR A 163 22.49 -7.06 -2.34
N SER A 164 22.88 -7.18 -3.61
CA SER A 164 24.06 -6.50 -4.16
C SER A 164 23.86 -4.99 -4.27
N GLY A 165 24.70 -4.24 -3.55
CA GLY A 165 24.70 -2.78 -3.62
C GLY A 165 23.49 -2.09 -3.03
N VAL A 166 22.85 -2.73 -2.05
CA VAL A 166 21.66 -2.16 -1.38
C VAL A 166 22.03 -1.49 -0.06
N HIS A 167 21.62 -0.23 0.10
CA HIS A 167 21.77 0.52 1.34
C HIS A 167 20.40 0.94 1.87
N THR A 168 20.18 0.76 3.16
CA THR A 168 18.99 1.26 3.86
C THR A 168 19.41 2.09 5.07
N PHE A 169 19.17 3.40 5.00
CA PHE A 169 19.61 4.34 6.03
C PHE A 169 18.73 4.31 7.29
N PRO A 170 19.26 4.78 8.43
CA PRO A 170 18.47 4.96 9.66
C PRO A 170 17.35 5.99 9.52
N ALA A 171 16.28 5.81 10.30
CA ALA A 171 15.16 6.73 10.32
C ALA A 171 15.52 8.01 11.06
N VAL A 172 15.07 9.15 10.54
CA VAL A 172 15.33 10.43 11.19
C VAL A 172 14.04 11.12 11.64
N LEU A 173 14.03 11.53 12.91
CA LEU A 173 12.89 12.21 13.51
C LEU A 173 12.78 13.64 12.96
N GLN A 174 11.56 14.02 12.56
CA GLN A 174 11.29 15.35 12.01
C GLN A 174 10.67 16.27 13.06
N SER A 175 10.71 17.57 12.80
CA SER A 175 10.13 18.58 13.72
C SER A 175 8.63 18.37 13.93
N SER A 176 8.03 17.59 13.04
CA SER A 176 6.62 17.20 13.16
C SER A 176 6.44 16.09 14.18
N GLY A 177 7.52 15.36 14.47
CA GLY A 177 7.50 14.34 15.52
C GLY A 177 7.28 12.92 15.03
N LEU A 178 7.29 12.73 13.71
CA LEU A 178 7.16 11.40 13.11
C LEU A 178 8.40 11.03 12.27
N TYR A 179 8.44 9.78 11.79
CA TYR A 179 9.68 9.23 11.21
C TYR A 179 9.72 9.17 9.67
N SER A 180 10.94 9.15 9.14
CA SER A 180 11.19 9.13 7.70
C SER A 180 12.57 8.54 7.36
N LEU A 181 12.60 7.65 6.36
CA LEU A 181 13.86 7.06 5.87
C LEU A 181 13.76 6.63 4.38
N SER A 182 14.91 6.49 3.73
CA SER A 182 14.95 6.05 2.31
C SER A 182 15.96 4.93 2.05
N SER A 183 15.57 3.99 1.19
CA SER A 183 16.42 2.86 0.82
C SER A 183 16.85 2.93 -0.65
N VAL A 184 18.12 2.60 -0.91
CA VAL A 184 18.71 2.75 -2.26
C VAL A 184 19.49 1.52 -2.75
N VAL A 185 19.72 1.47 -4.07
CA VAL A 185 20.48 0.39 -4.70
C VAL A 185 21.12 0.89 -6.01
N THR A 186 22.29 0.38 -6.35
CA THR A 186 23.02 0.77 -7.58
C THR A 186 23.09 -0.38 -8.59
N VAL A 187 22.70 -0.10 -9.84
CA VAL A 187 22.63 -1.12 -10.89
C VAL A 187 23.20 -0.66 -12.25
N PRO A 188 23.65 -1.61 -13.10
CA PRO A 188 24.09 -1.24 -14.45
C PRO A 188 22.95 -0.68 -15.32
N SER A 189 23.27 0.38 -16.08
CA SER A 189 22.31 1.08 -16.93
C SER A 189 21.69 0.21 -18.03
N SER A 190 22.42 -0.81 -18.46
CA SER A 190 21.94 -1.69 -19.51
C SER A 190 20.83 -2.64 -19.03
N SER A 191 20.44 -2.51 -17.75
CA SER A 191 19.41 -3.36 -17.17
C SER A 191 18.07 -2.68 -17.20
N LEU A 192 18.07 -1.36 -17.06
CA LEU A 192 16.84 -0.55 -16.96
C LEU A 192 15.82 -0.87 -18.06
N GLY A 193 16.31 -1.32 -19.21
CA GLY A 193 15.44 -1.76 -20.29
C GLY A 193 14.63 -3.00 -19.95
N THR A 194 15.31 -4.03 -19.47
CA THR A 194 14.72 -5.37 -19.35
C THR A 194 14.61 -5.94 -17.93
N GLN A 195 14.85 -5.11 -16.91
CA GLN A 195 14.83 -5.56 -15.53
C GLN A 195 13.78 -4.79 -14.70
N THR A 196 13.11 -5.52 -13.81
CA THR A 196 12.07 -4.94 -12.95
C THR A 196 12.55 -4.86 -11.49
N TYR A 197 12.32 -3.71 -10.86
CA TYR A 197 12.76 -3.49 -9.49
C TYR A 197 11.60 -3.08 -8.58
N ILE A 198 11.31 -3.93 -7.58
CA ILE A 198 10.21 -3.68 -6.64
C ILE A 198 10.71 -3.65 -5.18
N CYS A 199 10.37 -2.59 -4.46
CA CYS A 199 10.69 -2.48 -3.03
C CYS A 199 9.50 -2.91 -2.17
N ASN A 200 9.78 -3.68 -1.12
CA ASN A 200 8.74 -4.30 -0.28
C ASN A 200 8.74 -3.80 1.17
N VAL A 201 7.97 -2.74 1.43
CA VAL A 201 7.94 -2.10 2.75
C VAL A 201 6.86 -2.70 3.66
N ASN A 202 7.20 -2.90 4.93
CA ASN A 202 6.28 -3.47 5.92
C ASN A 202 6.31 -2.73 7.26
N HIS A 203 5.16 -2.65 7.91
CA HIS A 203 4.99 -1.95 9.19
C HIS A 203 4.02 -2.73 10.08
N LYS A 204 4.57 -3.47 11.04
CA LYS A 204 3.76 -4.32 11.95
C LYS A 204 2.77 -3.59 12.85
N PRO A 205 3.17 -2.46 13.49
CA PRO A 205 2.24 -1.73 14.38
C PRO A 205 0.88 -1.33 13.77
N SER A 206 0.81 -1.25 12.44
CA SER A 206 -0.43 -0.85 11.76
C SER A 206 -0.93 -1.90 10.76
N ASN A 207 -0.21 -3.01 10.67
CA ASN A 207 -0.50 -4.10 9.71
C ASN A 207 -0.63 -3.59 8.27
N THR A 208 0.45 -2.96 7.79
CA THR A 208 0.49 -2.38 6.44
C THR A 208 1.59 -3.04 5.62
N LYS A 209 1.23 -3.54 4.44
CA LYS A 209 2.17 -4.17 3.52
C LYS A 209 2.00 -3.65 2.09
N VAL A 210 2.87 -2.73 1.68
CA VAL A 210 2.84 -2.16 0.33
C VAL A 210 4.19 -2.32 -0.39
N ASP A 211 4.12 -2.73 -1.66
CA ASP A 211 5.32 -2.86 -2.51
C ASP A 211 5.22 -2.05 -3.79
N LYS A 212 6.13 -1.08 -3.93
CA LYS A 212 6.14 -0.17 -5.07
C LYS A 212 7.15 -0.62 -6.13
N LYS A 213 6.74 -0.55 -7.38
CA LYS A 213 7.63 -0.80 -8.52
C LYS A 213 8.24 0.50 -9.02
N VAL A 214 9.54 0.48 -9.29
CA VAL A 214 10.27 1.65 -9.78
C VAL A 214 10.71 1.43 -11.23
N GLU A 215 10.69 2.51 -12.02
CA GLU A 215 11.05 2.45 -13.43
C GLU A 215 11.52 3.82 -13.96
N PRO A 216 12.22 3.84 -15.12
CA PRO A 216 12.64 5.10 -15.73
C PRO A 216 11.47 5.92 -16.30
N ASP B 1 29.62 15.68 42.84
CA ASP B 1 29.78 14.80 41.65
C ASP B 1 31.23 14.82 41.15
N ILE B 2 31.79 13.62 40.97
CA ILE B 2 33.10 13.48 40.33
C ILE B 2 32.88 13.10 38.87
N GLN B 3 33.25 14.02 37.98
CA GLN B 3 33.08 13.82 36.55
C GLN B 3 34.40 13.49 35.88
N MET B 4 34.34 12.76 34.77
CA MET B 4 35.54 12.26 34.11
C MET B 4 35.59 12.57 32.61
N THR B 5 36.82 12.75 32.10
CA THR B 5 37.03 13.17 30.72
C THR B 5 37.89 12.15 29.95
N GLN B 6 37.28 11.51 28.96
CA GLN B 6 37.98 10.55 28.10
C GLN B 6 38.60 11.24 26.90
N SER B 7 39.67 10.64 26.38
CA SER B 7 40.37 11.15 25.19
C SER B 7 41.22 10.06 24.53
N PRO B 8 41.16 9.96 23.19
CA PRO B 8 40.33 10.81 22.33
C PRO B 8 38.88 10.36 22.39
N SER B 9 38.00 11.05 21.66
CA SER B 9 36.62 10.62 21.56
C SER B 9 36.48 9.55 20.50
N THR B 10 37.32 9.66 19.46
CA THR B 10 37.26 8.73 18.34
C THR B 10 38.66 8.36 17.85
N LEU B 11 38.88 7.07 17.67
CA LEU B 11 40.17 6.57 17.27
C LEU B 11 40.03 5.67 16.04
N SER B 12 40.78 6.01 14.98
CA SER B 12 40.84 5.19 13.78
C SER B 12 42.19 4.49 13.76
N ALA B 13 42.16 3.17 13.66
CA ALA B 13 43.37 2.34 13.73
C ALA B 13 43.27 1.04 12.92
N SER B 14 44.41 0.37 12.78
CA SER B 14 44.49 -0.87 11.99
C SER B 14 44.78 -2.08 12.87
N VAL B 15 44.38 -3.25 12.37
CA VAL B 15 44.75 -4.52 12.97
C VAL B 15 46.26 -4.56 13.12
N GLY B 16 46.74 -4.78 14.34
CA GLY B 16 48.17 -4.89 14.62
C GLY B 16 48.79 -3.64 15.24
N ASP B 17 48.00 -2.60 15.43
CA ASP B 17 48.48 -1.35 16.03
C ASP B 17 48.48 -1.47 17.54
N ARG B 18 49.07 -0.48 18.21
CA ARG B 18 48.99 -0.36 19.66
C ARG B 18 48.02 0.76 20.03
N VAL B 19 47.22 0.53 21.07
CA VAL B 19 46.13 1.45 21.44
C VAL B 19 46.28 1.98 22.88
N THR B 20 45.80 3.20 23.12
CA THR B 20 45.90 3.83 24.44
C THR B 20 44.80 4.87 24.67
N ILE B 21 43.88 4.57 25.59
CA ILE B 21 42.81 5.52 25.95
C ILE B 21 43.10 6.11 27.34
N THR B 22 42.60 7.32 27.59
CA THR B 22 42.86 8.03 28.84
C THR B 22 41.57 8.58 29.45
N CYS B 23 41.47 8.50 30.78
CA CYS B 23 40.32 9.01 31.52
C CYS B 23 40.83 9.94 32.61
N SER B 24 40.34 11.19 32.64
CA SER B 24 40.82 12.20 33.61
C SER B 24 39.78 12.57 34.66
N ALA B 25 40.08 12.24 35.92
CA ALA B 25 39.19 12.50 37.03
C ALA B 25 39.39 13.90 37.60
N SER B 26 38.29 14.53 38.02
CA SER B 26 38.35 15.87 38.63
C SER B 26 38.99 15.86 40.03
N SER B 27 38.90 14.72 40.72
CA SER B 27 39.49 14.55 42.05
C SER B 27 40.36 13.28 42.12
N SER B 28 41.13 13.15 43.20
CA SER B 28 42.00 11.99 43.41
C SER B 28 41.16 10.76 43.79
N ILE B 29 41.39 9.66 43.09
CA ILE B 29 40.61 8.43 43.31
C ILE B 29 41.52 7.20 43.46
N SER B 30 40.98 6.15 44.08
CA SER B 30 41.76 4.94 44.38
C SER B 30 41.87 3.95 43.21
N TYR B 31 40.74 3.62 42.58
CA TYR B 31 40.71 2.64 41.47
C TYR B 31 39.82 3.06 40.30
N MET B 32 40.12 2.53 39.12
CA MET B 32 39.36 2.81 37.91
C MET B 32 38.92 1.50 37.22
N HIS B 33 37.67 1.45 36.77
CA HIS B 33 37.13 0.27 36.09
C HIS B 33 36.75 0.57 34.62
N TRP B 34 36.79 -0.47 33.76
CA TRP B 34 36.55 -0.31 32.31
C TRP B 34 35.55 -1.32 31.71
N TYR B 35 34.74 -0.85 30.76
CA TYR B 35 33.75 -1.70 30.06
C TYR B 35 33.89 -1.68 28.54
N GLN B 36 33.31 -2.68 27.88
CA GLN B 36 33.23 -2.73 26.41
C GLN B 36 31.77 -2.91 25.97
N GLN B 37 31.36 -2.18 24.92
CA GLN B 37 29.98 -2.22 24.43
C GLN B 37 29.86 -2.22 22.91
N LYS B 38 29.09 -3.18 22.39
CA LYS B 38 28.78 -3.31 20.97
C LYS B 38 27.28 -3.06 20.73
N PRO B 39 26.90 -2.59 19.51
CA PRO B 39 25.53 -2.14 19.28
C PRO B 39 24.48 -3.20 19.57
N GLY B 40 23.49 -2.84 20.37
CA GLY B 40 22.40 -3.73 20.74
C GLY B 40 22.64 -4.59 21.97
N LYS B 41 23.72 -4.31 22.70
CA LYS B 41 24.06 -5.11 23.89
C LYS B 41 24.36 -4.25 25.11
N ALA B 42 24.14 -4.86 26.28
CA ALA B 42 24.53 -4.26 27.56
C ALA B 42 26.04 -4.23 27.68
N PRO B 43 26.58 -3.26 28.47
CA PRO B 43 28.01 -3.21 28.73
C PRO B 43 28.59 -4.51 29.31
N LYS B 44 29.79 -4.85 28.86
CA LYS B 44 30.52 -6.02 29.37
C LYS B 44 31.76 -5.54 30.13
N LEU B 45 31.88 -5.97 31.38
CA LEU B 45 33.07 -5.69 32.19
C LEU B 45 34.33 -6.24 31.52
N LEU B 46 35.37 -5.41 31.46
CA LEU B 46 36.61 -5.76 30.75
C LEU B 46 37.82 -5.83 31.68
N ILE B 47 38.05 -4.76 32.44
CA ILE B 47 39.17 -4.65 33.37
C ILE B 47 38.68 -4.06 34.69
N TYR B 48 38.86 -4.81 35.78
CA TYR B 48 38.46 -4.34 37.11
C TYR B 48 39.63 -3.98 38.00
N THR B 49 39.35 -3.13 39.00
CA THR B 49 40.37 -2.51 39.86
C THR B 49 41.63 -2.18 39.06
N THR B 50 41.44 -1.24 38.14
CA THR B 50 42.53 -0.61 37.39
C THR B 50 43.37 -1.51 36.47
N SER B 51 43.60 -2.78 36.81
CA SER B 51 44.42 -3.64 35.94
C SER B 51 44.05 -5.13 35.77
N ASN B 52 43.16 -5.67 36.60
CA ASN B 52 42.87 -7.11 36.56
C ASN B 52 41.90 -7.52 35.44
N LEU B 53 42.30 -8.52 34.66
CA LEU B 53 41.48 -9.05 33.57
C LEU B 53 40.28 -9.86 34.04
N ALA B 54 39.09 -9.51 33.56
CA ALA B 54 37.89 -10.31 33.78
C ALA B 54 37.98 -11.67 33.06
N SER B 55 37.24 -12.67 33.54
CA SER B 55 37.30 -14.01 32.94
C SER B 55 36.73 -14.03 31.52
N GLY B 56 37.50 -14.58 30.59
CA GLY B 56 37.14 -14.59 29.16
C GLY B 56 37.89 -13.55 28.34
N VAL B 57 38.53 -12.61 29.02
CA VAL B 57 39.32 -11.54 28.37
C VAL B 57 40.70 -12.07 27.96
N PRO B 58 41.12 -11.80 26.71
CA PRO B 58 42.43 -12.21 26.19
C PRO B 58 43.61 -11.37 26.73
N ALA B 59 44.79 -12.00 26.78
CA ALA B 59 46.00 -11.44 27.39
C ALA B 59 46.44 -10.04 26.90
N ARG B 60 45.96 -9.64 25.71
CA ARG B 60 46.39 -8.39 25.06
C ARG B 60 45.84 -7.10 25.67
N PHE B 61 44.94 -7.20 26.65
CA PHE B 61 44.43 -6.03 27.37
C PHE B 61 45.19 -5.78 28.69
N SER B 62 45.09 -4.55 29.18
CA SER B 62 45.69 -4.13 30.46
C SER B 62 45.38 -2.65 30.74
N GLY B 63 45.85 -2.17 31.89
CA GLY B 63 45.64 -0.78 32.29
C GLY B 63 46.63 -0.34 33.36
N SER B 64 46.64 0.96 33.65
CA SER B 64 47.51 1.53 34.68
C SER B 64 47.07 2.92 35.11
N GLY B 65 47.76 3.47 36.11
CA GLY B 65 47.51 4.84 36.55
C GLY B 65 47.33 4.99 38.04
N SER B 66 47.26 6.25 38.47
CA SER B 66 47.06 6.62 39.88
C SER B 66 46.67 8.09 40.00
N GLY B 67 46.00 8.43 41.09
CA GLY B 67 45.63 9.81 41.38
C GLY B 67 44.43 10.28 40.58
N THR B 68 44.69 11.00 39.49
CA THR B 68 43.62 11.55 38.66
C THR B 68 43.74 11.09 37.19
N GLU B 69 44.87 10.48 36.86
CA GLU B 69 45.16 10.09 35.48
C GLU B 69 45.28 8.58 35.31
N PHE B 70 44.24 7.97 34.74
CA PHE B 70 44.19 6.53 34.46
C PHE B 70 44.18 6.26 32.97
N THR B 71 44.53 5.04 32.58
CA THR B 71 44.68 4.68 31.16
C THR B 71 44.60 3.16 30.91
N LEU B 72 44.06 2.77 29.76
CA LEU B 72 44.08 1.36 29.33
C LEU B 72 44.75 1.16 27.95
N THR B 73 45.32 -0.02 27.74
CA THR B 73 46.05 -0.31 26.50
C THR B 73 45.69 -1.65 25.85
N ILE B 74 45.92 -1.72 24.55
CA ILE B 74 45.87 -2.96 23.78
C ILE B 74 47.18 -2.99 23.00
N SER B 75 47.91 -4.11 23.08
CA SER B 75 49.25 -4.20 22.48
C SER B 75 49.20 -4.53 20.99
N SER B 76 48.11 -5.16 20.55
CA SER B 76 47.92 -5.55 19.15
C SER B 76 46.44 -5.77 18.83
N LEU B 77 45.87 -4.81 18.10
CA LEU B 77 44.45 -4.81 17.78
C LEU B 77 44.06 -6.02 16.93
N GLN B 78 42.99 -6.69 17.35
CA GLN B 78 42.40 -7.80 16.61
C GLN B 78 41.06 -7.35 16.04
N PRO B 79 40.47 -8.12 15.11
CA PRO B 79 39.18 -7.71 14.54
C PRO B 79 38.07 -7.58 15.60
N ASP B 80 38.05 -8.49 16.58
CA ASP B 80 37.02 -8.50 17.62
C ASP B 80 37.02 -7.27 18.53
N ASP B 81 38.13 -6.53 18.55
CA ASP B 81 38.34 -5.42 19.47
C ASP B 81 37.71 -4.08 19.07
N PHE B 82 37.03 -4.05 17.92
CA PHE B 82 36.35 -2.82 17.48
C PHE B 82 35.01 -2.58 18.17
N ALA B 83 34.93 -1.52 18.98
CA ALA B 83 33.75 -1.21 19.79
C ALA B 83 33.90 0.12 20.56
N THR B 84 33.08 0.32 21.59
CA THR B 84 33.09 1.53 22.40
C THR B 84 33.48 1.23 23.84
N TYR B 85 34.30 2.10 24.44
CA TYR B 85 34.88 1.88 25.77
C TYR B 85 34.53 2.96 26.78
N TYR B 86 34.24 2.55 28.02
CA TYR B 86 33.87 3.48 29.10
C TYR B 86 34.69 3.28 30.38
N CYS B 87 35.10 4.38 31.01
CA CYS B 87 35.68 4.33 32.37
C CYS B 87 34.59 4.50 33.43
N HIS B 88 34.90 4.13 34.68
CA HIS B 88 33.91 4.09 35.76
C HIS B 88 34.54 4.23 37.15
N GLN B 89 33.91 5.03 38.01
CA GLN B 89 34.39 5.23 39.39
C GLN B 89 33.33 4.85 40.44
N ARG B 90 33.80 4.45 41.61
CA ARG B 90 32.92 4.03 42.70
C ARG B 90 33.54 4.22 44.10
N SER B 91 34.18 5.37 44.31
CA SER B 91 34.75 5.69 45.62
C SER B 91 33.91 6.69 46.43
N THR B 92 32.92 7.31 45.77
CA THR B 92 31.87 8.10 46.45
C THR B 92 30.57 8.12 45.63
N TYR B 93 29.47 8.49 46.28
CA TYR B 93 28.20 8.73 45.59
C TYR B 93 28.09 10.18 45.13
N PRO B 94 27.43 10.41 43.97
CA PRO B 94 26.83 9.38 43.11
C PRO B 94 27.85 8.67 42.22
N LEU B 95 27.48 7.47 41.77
CA LEU B 95 28.29 6.72 40.82
C LEU B 95 28.21 7.38 39.44
N THR B 96 29.36 7.48 38.79
CA THR B 96 29.48 8.16 37.50
C THR B 96 30.30 7.34 36.52
N PHE B 97 29.95 7.46 35.24
CA PHE B 97 30.69 6.82 34.15
C PHE B 97 31.37 7.85 33.26
N GLY B 98 32.32 7.40 32.45
CA GLY B 98 32.96 8.24 31.45
C GLY B 98 32.04 8.49 30.27
N GLN B 99 32.45 9.42 29.40
CA GLN B 99 31.69 9.79 28.21
C GLN B 99 31.75 8.72 27.09
N GLY B 100 32.96 8.25 26.78
CA GLY B 100 33.14 7.19 25.79
C GLY B 100 34.24 7.40 24.75
N THR B 101 34.75 6.31 24.21
CA THR B 101 35.73 6.34 23.13
C THR B 101 35.40 5.27 22.09
N LYS B 102 35.22 5.70 20.84
CA LYS B 102 34.87 4.78 19.76
C LYS B 102 36.08 4.43 18.88
N VAL B 103 36.30 3.13 18.69
CA VAL B 103 37.42 2.65 17.86
C VAL B 103 36.93 2.10 16.52
N GLU B 104 37.18 2.86 15.45
CA GLU B 104 36.76 2.48 14.10
C GLU B 104 37.93 1.93 13.27
N VAL B 105 37.61 1.22 12.20
CA VAL B 105 38.62 0.63 11.32
C VAL B 105 39.18 1.67 10.34
N LYS B 106 40.51 1.83 10.38
CA LYS B 106 41.20 2.71 9.45
C LYS B 106 41.41 2.01 8.11
N ARG B 107 40.94 2.67 7.05
CA ARG B 107 40.97 2.10 5.71
C ARG B 107 41.85 2.97 4.80
N THR B 108 41.80 2.71 3.50
CA THR B 108 42.47 3.54 2.50
C THR B 108 41.46 4.59 1.99
N VAL B 109 41.97 5.77 1.62
CA VAL B 109 41.11 6.90 1.22
C VAL B 109 40.29 6.60 -0.03
N ALA B 110 38.97 6.75 0.07
CA ALA B 110 38.04 6.46 -1.04
C ALA B 110 36.97 7.54 -1.22
N ALA B 111 37.05 8.26 -2.34
CA ALA B 111 36.10 9.33 -2.68
C ALA B 111 34.73 8.77 -3.06
N PRO B 112 33.65 9.46 -2.68
CA PRO B 112 32.29 8.97 -2.96
C PRO B 112 31.84 9.13 -4.42
N SER B 113 30.83 8.35 -4.78
CA SER B 113 30.04 8.61 -5.97
C SER B 113 28.86 9.45 -5.52
N VAL B 114 28.37 10.33 -6.39
CA VAL B 114 27.23 11.19 -6.03
C VAL B 114 26.05 11.04 -6.98
N PHE B 115 24.85 11.09 -6.42
CA PHE B 115 23.61 10.85 -7.17
C PHE B 115 22.51 11.84 -6.76
N ILE B 116 21.66 12.21 -7.72
CA ILE B 116 20.65 13.24 -7.51
C ILE B 116 19.24 12.68 -7.81
N PHE B 117 18.28 13.03 -6.97
CA PHE B 117 16.88 12.59 -7.17
C PHE B 117 15.89 13.75 -7.07
N PRO B 118 15.10 13.96 -8.14
CA PRO B 118 13.97 14.89 -8.08
C PRO B 118 12.79 14.26 -7.31
N PRO B 119 11.90 15.10 -6.74
CA PRO B 119 10.72 14.60 -6.01
C PRO B 119 9.68 13.96 -6.92
N SER B 120 9.12 12.84 -6.46
CA SER B 120 8.11 12.08 -7.20
C SER B 120 6.84 12.90 -7.42
N ASP B 121 6.12 12.57 -8.50
CA ASP B 121 4.89 13.28 -8.87
C ASP B 121 3.70 12.94 -7.98
N GLU B 122 3.65 11.69 -7.50
CA GLU B 122 2.67 11.29 -6.50
C GLU B 122 2.88 12.06 -5.20
N GLN B 123 4.15 12.31 -4.88
CA GLN B 123 4.55 13.16 -3.77
C GLN B 123 4.13 14.62 -4.00
N LEU B 124 4.13 15.04 -5.25
CA LEU B 124 3.80 16.43 -5.59
C LEU B 124 2.35 16.84 -5.34
N LYS B 125 1.44 15.87 -5.42
CA LYS B 125 0.02 16.12 -5.14
C LYS B 125 -0.27 16.28 -3.65
N SER B 126 0.70 15.92 -2.81
CA SER B 126 0.61 16.08 -1.37
C SER B 126 0.79 17.54 -0.93
N GLY B 127 1.45 18.34 -1.77
CA GLY B 127 1.71 19.75 -1.47
C GLY B 127 3.09 19.98 -0.86
N THR B 128 3.76 18.89 -0.51
CA THR B 128 5.11 18.93 0.01
C THR B 128 5.99 18.00 -0.82
N ALA B 129 7.22 18.43 -1.08
CA ALA B 129 8.15 17.68 -1.93
C ALA B 129 9.57 17.59 -1.32
N SER B 130 10.23 16.45 -1.52
CA SER B 130 11.57 16.22 -0.98
C SER B 130 12.62 15.92 -2.05
N VAL B 131 13.80 16.50 -1.90
CA VAL B 131 14.92 16.29 -2.83
C VAL B 131 16.05 15.53 -2.12
N VAL B 132 16.60 14.53 -2.79
CA VAL B 132 17.57 13.60 -2.19
C VAL B 132 18.94 13.63 -2.89
N CYS B 133 20.01 13.64 -2.09
CA CYS B 133 21.38 13.55 -2.61
C CYS B 133 22.14 12.41 -1.93
N LEU B 134 22.69 11.49 -2.73
CA LEU B 134 23.33 10.27 -2.20
C LEU B 134 24.86 10.26 -2.32
N LEU B 135 25.52 9.85 -1.24
CA LEU B 135 26.97 9.67 -1.22
C LEU B 135 27.33 8.19 -0.99
N ASN B 136 28.06 7.62 -1.94
CA ASN B 136 28.20 6.16 -2.03
C ASN B 136 29.60 5.68 -1.68
N ASN B 137 29.65 4.70 -0.77
CA ASN B 137 30.90 4.00 -0.37
C ASN B 137 32.12 4.90 -0.23
N PHE B 138 32.20 5.66 0.87
CA PHE B 138 33.33 6.59 1.06
C PHE B 138 34.07 6.44 2.40
N TYR B 139 35.29 6.98 2.44
CA TYR B 139 36.14 6.99 3.62
C TYR B 139 37.18 8.12 3.50
N PRO B 140 37.46 8.85 4.59
CA PRO B 140 36.89 8.82 5.95
C PRO B 140 35.45 9.34 6.04
N ARG B 141 34.93 9.37 7.26
CA ARG B 141 33.55 9.76 7.55
C ARG B 141 33.26 11.24 7.24
N GLU B 142 34.29 12.07 7.36
CA GLU B 142 34.17 13.51 7.18
C GLU B 142 33.69 13.88 5.76
N ALA B 143 32.39 14.15 5.64
CA ALA B 143 31.81 14.55 4.36
C ALA B 143 30.86 15.73 4.55
N LYS B 144 31.10 16.79 3.79
CA LYS B 144 30.31 18.02 3.90
C LYS B 144 29.39 18.21 2.70
N VAL B 145 28.12 18.46 2.98
CA VAL B 145 27.10 18.60 1.94
C VAL B 145 26.40 19.96 2.04
N GLN B 146 26.32 20.69 0.93
CA GLN B 146 25.58 21.96 0.89
C GLN B 146 24.68 22.11 -0.34
N TRP B 147 23.45 22.55 -0.09
CA TRP B 147 22.43 22.74 -1.13
C TRP B 147 22.55 24.10 -1.81
N LYS B 148 22.35 24.10 -3.13
CA LYS B 148 22.39 25.31 -3.95
C LYS B 148 21.08 25.48 -4.72
N VAL B 149 20.45 26.65 -4.56
CA VAL B 149 19.25 26.97 -5.31
C VAL B 149 19.49 28.24 -6.14
N ASP B 150 19.71 28.05 -7.43
CA ASP B 150 20.11 29.13 -8.36
C ASP B 150 21.36 29.88 -7.87
N ASN B 151 22.34 29.10 -7.42
CA ASN B 151 23.59 29.62 -6.84
C ASN B 151 23.38 30.48 -5.59
N ALA B 152 22.63 29.94 -4.64
CA ALA B 152 22.36 30.61 -3.37
C ALA B 152 22.43 29.64 -2.18
N LEU B 153 23.16 30.05 -1.15
CA LEU B 153 23.28 29.29 0.09
C LEU B 153 21.92 29.06 0.76
N GLN B 154 21.80 27.93 1.46
CA GLN B 154 20.56 27.60 2.16
C GLN B 154 20.84 27.09 3.57
N SER B 155 19.85 27.23 4.46
CA SER B 155 19.97 26.82 5.86
C SER B 155 18.63 26.42 6.50
N GLY B 156 18.70 25.54 7.48
CA GLY B 156 17.56 25.17 8.33
C GLY B 156 16.39 24.50 7.64
N ASN B 157 16.67 23.66 6.65
CA ASN B 157 15.61 22.92 5.95
C ASN B 157 15.99 21.49 5.56
N SER B 158 17.23 21.10 5.86
CA SER B 158 17.78 19.82 5.46
C SER B 158 18.14 18.93 6.65
N GLN B 159 18.13 17.61 6.41
CA GLN B 159 18.50 16.62 7.42
C GLN B 159 19.26 15.45 6.79
N GLU B 160 20.48 15.21 7.27
CA GLU B 160 21.29 14.10 6.75
C GLU B 160 21.19 12.83 7.60
N SER B 161 21.54 11.69 7.00
CA SER B 161 21.49 10.38 7.67
C SER B 161 22.66 9.51 7.23
N VAL B 162 23.34 8.90 8.21
CA VAL B 162 24.56 8.11 7.97
C VAL B 162 24.40 6.64 8.37
N THR B 163 24.88 5.72 7.51
CA THR B 163 24.89 4.29 7.85
C THR B 163 26.07 3.94 8.77
N GLU B 164 26.02 2.75 9.35
CA GLU B 164 27.12 2.24 10.17
C GLU B 164 28.20 1.65 9.27
N GLN B 165 29.46 1.75 9.71
CA GLN B 165 30.60 1.24 8.96
C GLN B 165 30.31 -0.17 8.44
N ASP B 166 30.39 -0.34 7.13
CA ASP B 166 30.11 -1.63 6.50
C ASP B 166 31.11 -2.69 6.96
N SER B 167 30.59 -3.74 7.57
CA SER B 167 31.41 -4.78 8.20
C SER B 167 32.21 -5.64 7.21
N LYS B 168 32.32 -5.19 5.96
CA LYS B 168 32.94 -5.99 4.91
C LYS B 168 33.95 -5.21 4.06
N ASP B 169 33.71 -3.90 3.91
CA ASP B 169 34.64 -3.04 3.16
C ASP B 169 35.02 -1.72 3.90
N SER B 170 34.52 -1.56 5.12
CA SER B 170 34.85 -0.44 6.01
C SER B 170 34.50 0.96 5.48
N THR B 171 33.56 1.02 4.54
CA THR B 171 33.12 2.28 3.92
C THR B 171 31.88 2.82 4.61
N TYR B 172 31.52 4.07 4.31
CA TYR B 172 30.29 4.69 4.80
C TYR B 172 29.40 5.13 3.65
N SER B 173 28.14 5.44 3.97
CA SER B 173 27.21 6.02 3.01
C SER B 173 26.31 7.04 3.70
N LEU B 174 26.04 8.15 3.02
CA LEU B 174 25.26 9.25 3.59
C LEU B 174 24.06 9.63 2.70
N SER B 175 23.10 10.35 3.28
CA SER B 175 21.87 10.74 2.58
C SER B 175 21.33 12.07 3.11
N SER B 176 21.46 13.12 2.30
CA SER B 176 20.99 14.46 2.66
C SER B 176 19.67 14.82 1.96
N THR B 177 18.65 15.06 2.75
CA THR B 177 17.31 15.36 2.24
C THR B 177 16.93 16.82 2.45
N LEU B 178 16.53 17.47 1.36
CA LEU B 178 16.02 18.84 1.41
C LEU B 178 14.50 18.81 1.33
N THR B 179 13.83 19.33 2.36
CA THR B 179 12.38 19.32 2.42
C THR B 179 11.79 20.74 2.38
N LEU B 180 10.91 20.97 1.41
CA LEU B 180 10.29 22.27 1.19
C LEU B 180 8.78 22.14 0.99
N SER B 181 8.15 23.19 0.47
CA SER B 181 6.74 23.16 0.08
C SER B 181 6.59 23.30 -1.44
N LYS B 182 5.39 22.98 -1.93
CA LYS B 182 5.11 22.96 -3.36
C LYS B 182 5.29 24.32 -4.05
N ALA B 183 4.72 25.36 -3.46
CA ALA B 183 4.70 26.71 -4.06
C ALA B 183 6.10 27.28 -4.31
N ASP B 184 6.93 27.27 -3.27
CA ASP B 184 8.29 27.83 -3.36
C ASP B 184 9.25 26.96 -4.18
N TYR B 185 8.88 25.69 -4.39
CA TYR B 185 9.67 24.78 -5.22
C TYR B 185 9.49 25.08 -6.71
N GLU B 186 8.27 25.45 -7.09
CA GLU B 186 7.95 25.78 -8.47
C GLU B 186 8.44 27.18 -8.88
N LYS B 187 9.30 27.76 -8.04
CA LYS B 187 9.80 29.12 -8.24
C LYS B 187 11.23 29.18 -8.78
N HIS B 188 11.95 28.06 -8.74
CA HIS B 188 13.34 28.03 -9.17
C HIS B 188 13.66 26.91 -10.16
N LYS B 189 14.75 27.09 -10.90
CA LYS B 189 15.10 26.19 -12.00
C LYS B 189 16.27 25.26 -11.66
N VAL B 190 17.43 25.85 -11.39
CA VAL B 190 18.67 25.09 -11.20
C VAL B 190 18.90 24.70 -9.74
N TYR B 191 18.82 23.40 -9.46
CA TYR B 191 19.11 22.85 -8.13
C TYR B 191 20.40 22.06 -8.15
N ALA B 192 21.31 22.40 -7.26
CA ALA B 192 22.64 21.76 -7.23
C ALA B 192 23.01 21.17 -5.87
N CYS B 193 23.65 20.00 -5.91
CA CYS B 193 24.20 19.36 -4.74
C CYS B 193 25.72 19.38 -4.87
N GLU B 194 26.39 20.20 -4.05
CA GLU B 194 27.85 20.28 -4.11
C GLU B 194 28.52 19.57 -2.94
N VAL B 195 29.37 18.59 -3.28
CA VAL B 195 29.96 17.67 -2.32
C VAL B 195 31.46 17.90 -2.19
N THR B 196 31.93 17.95 -0.95
CA THR B 196 33.37 18.10 -0.64
C THR B 196 33.88 16.94 0.23
N HIS B 197 35.01 16.36 -0.19
CA HIS B 197 35.61 15.21 0.48
C HIS B 197 37.12 15.13 0.19
N GLN B 198 37.88 14.62 1.16
CA GLN B 198 39.33 14.53 1.09
C GLN B 198 39.85 13.94 -0.22
N GLY B 199 39.29 12.79 -0.61
CA GLY B 199 39.73 12.06 -1.80
C GLY B 199 39.27 12.67 -3.11
N LEU B 200 38.61 13.82 -3.03
CA LEU B 200 38.26 14.60 -4.21
C LEU B 200 39.23 15.77 -4.35
N SER B 201 39.95 15.78 -5.47
CA SER B 201 40.90 16.86 -5.79
C SER B 201 40.19 18.21 -5.87
N SER B 202 38.97 18.21 -6.42
CA SER B 202 38.13 19.41 -6.47
C SER B 202 36.67 19.04 -6.20
N PRO B 203 35.94 19.89 -5.46
CA PRO B 203 34.50 19.71 -5.17
C PRO B 203 33.64 19.40 -6.41
N VAL B 204 32.88 18.30 -6.34
CA VAL B 204 32.04 17.85 -7.45
C VAL B 204 30.58 18.24 -7.23
N THR B 205 29.87 18.46 -8.34
CA THR B 205 28.50 18.97 -8.31
C THR B 205 27.56 18.18 -9.23
N LYS B 206 26.35 17.91 -8.71
CA LYS B 206 25.26 17.32 -9.48
C LYS B 206 24.04 18.23 -9.43
N SER B 207 23.54 18.59 -10.60
CA SER B 207 22.41 19.52 -10.71
C SER B 207 21.38 19.06 -11.74
N PHE B 208 20.24 19.75 -11.75
CA PHE B 208 19.15 19.44 -12.68
C PHE B 208 18.20 20.63 -12.79
N ASN B 209 17.56 20.76 -13.95
CA ASN B 209 16.56 21.81 -14.18
C ASN B 209 15.18 21.32 -13.76
N ARG B 210 14.42 22.21 -13.12
CA ARG B 210 13.10 21.87 -12.61
C ARG B 210 12.20 21.30 -13.70
N GLY B 211 11.89 22.13 -14.71
CA GLY B 211 11.02 21.73 -15.80
C GLY B 211 11.74 20.95 -16.88
N GLU B 212 11.77 19.62 -16.73
CA GLU B 212 12.42 18.70 -17.67
C GLU B 212 13.95 18.85 -17.73
N GLN C 1 -30.23 1.75 -0.23
CA GLN C 1 -30.98 0.87 -1.19
C GLN C 1 -30.04 -0.10 -1.92
N VAL C 2 -30.58 -0.86 -2.88
CA VAL C 2 -29.82 -1.92 -3.54
C VAL C 2 -28.58 -1.38 -4.26
N GLN C 3 -27.46 -2.07 -4.05
CA GLN C 3 -26.17 -1.68 -4.64
C GLN C 3 -25.28 -2.86 -5.00
N LEU C 4 -24.82 -2.88 -6.25
CA LEU C 4 -23.81 -3.82 -6.73
C LEU C 4 -22.58 -3.02 -7.17
N VAL C 5 -21.43 -3.28 -6.56
CA VAL C 5 -20.20 -2.57 -6.90
C VAL C 5 -19.14 -3.53 -7.46
N GLN C 6 -18.72 -3.27 -8.70
CA GLN C 6 -17.81 -4.14 -9.44
C GLN C 6 -16.37 -3.63 -9.42
N SER C 7 -15.43 -4.54 -9.67
CA SER C 7 -14.00 -4.23 -9.68
C SER C 7 -13.51 -3.62 -11.02
N GLY C 8 -12.35 -2.98 -10.97
CA GLY C 8 -11.79 -2.22 -12.10
C GLY C 8 -11.34 -3.02 -13.31
N ALA C 9 -11.06 -2.29 -14.40
CA ALA C 9 -10.72 -2.86 -15.70
C ALA C 9 -9.38 -3.58 -15.70
N GLU C 10 -9.23 -4.58 -16.58
CA GLU C 10 -8.02 -5.39 -16.67
C GLU C 10 -7.56 -5.55 -18.12
N VAL C 11 -6.24 -5.55 -18.31
CA VAL C 11 -5.62 -5.83 -19.62
C VAL C 11 -4.80 -7.12 -19.52
N LYS C 12 -5.10 -8.08 -20.39
CA LYS C 12 -4.53 -9.43 -20.29
C LYS C 12 -3.89 -9.98 -21.58
N LYS C 13 -3.14 -11.08 -21.44
CA LYS C 13 -2.40 -11.70 -22.55
C LYS C 13 -3.03 -13.04 -22.96
N PRO C 14 -2.91 -13.41 -24.25
CA PRO C 14 -3.55 -14.64 -24.76
C PRO C 14 -3.06 -15.90 -24.06
N GLY C 15 -3.96 -16.61 -23.38
CA GLY C 15 -3.65 -17.90 -22.76
C GLY C 15 -3.77 -17.93 -21.24
N SER C 16 -3.91 -16.77 -20.62
CA SER C 16 -4.03 -16.68 -19.15
C SER C 16 -5.50 -16.71 -18.69
N SER C 17 -5.74 -16.21 -17.47
CA SER C 17 -7.09 -16.20 -16.87
C SER C 17 -7.28 -15.06 -15.85
N VAL C 18 -8.49 -14.48 -15.82
CA VAL C 18 -8.79 -13.35 -14.93
C VAL C 18 -10.01 -13.62 -14.02
N LYS C 19 -10.06 -12.92 -12.88
CA LYS C 19 -11.13 -13.11 -11.88
C LYS C 19 -11.85 -11.79 -11.52
N VAL C 20 -13.11 -11.66 -11.92
CA VAL C 20 -13.90 -10.44 -11.73
C VAL C 20 -14.82 -10.57 -10.49
N SER C 21 -14.96 -9.49 -9.72
CA SER C 21 -15.79 -9.50 -8.51
C SER C 21 -16.99 -8.55 -8.54
N CYS C 22 -17.93 -8.78 -7.62
CA CYS C 22 -19.19 -8.02 -7.53
C CYS C 22 -19.70 -8.03 -6.08
N LYS C 23 -19.83 -6.85 -5.48
CA LYS C 23 -20.16 -6.71 -4.06
C LYS C 23 -21.54 -6.09 -3.82
N ALA C 24 -22.37 -6.76 -3.03
CA ALA C 24 -23.77 -6.39 -2.84
C ALA C 24 -24.10 -5.82 -1.45
N SER C 25 -25.11 -4.95 -1.40
CA SER C 25 -25.66 -4.40 -0.14
C SER C 25 -27.05 -3.80 -0.30
N GLY C 26 -27.83 -3.81 0.79
CA GLY C 26 -29.20 -3.27 0.78
C GLY C 26 -30.29 -4.32 0.62
N TYR C 27 -29.97 -5.58 0.91
CA TYR C 27 -30.91 -6.68 0.87
C TYR C 27 -30.23 -7.95 1.40
N THR C 28 -31.01 -8.95 1.82
CA THR C 28 -30.46 -10.22 2.31
C THR C 28 -29.85 -11.03 1.17
N PHE C 29 -28.53 -11.19 1.22
CA PHE C 29 -27.71 -11.73 0.11
C PHE C 29 -27.96 -13.20 -0.23
N THR C 30 -28.36 -13.98 0.77
CA THR C 30 -28.63 -15.42 0.62
C THR C 30 -29.96 -15.68 -0.09
N SER C 31 -30.79 -14.63 -0.17
CA SER C 31 -32.19 -14.74 -0.56
C SER C 31 -32.46 -14.83 -2.07
N TYR C 32 -31.54 -14.30 -2.89
CA TYR C 32 -31.74 -14.25 -4.34
C TYR C 32 -30.57 -14.80 -5.12
N ARG C 33 -30.82 -15.13 -6.39
CA ARG C 33 -29.78 -15.59 -7.32
C ARG C 33 -28.97 -14.43 -7.88
N MET C 34 -27.77 -14.72 -8.38
CA MET C 34 -26.93 -13.72 -9.04
C MET C 34 -26.51 -14.22 -10.43
N HIS C 35 -26.89 -13.48 -11.47
CA HIS C 35 -26.62 -13.86 -12.86
C HIS C 35 -25.42 -13.09 -13.41
N TRP C 36 -24.82 -13.58 -14.49
CA TRP C 36 -23.74 -12.87 -15.18
C TRP C 36 -24.04 -12.70 -16.68
N VAL C 37 -23.66 -11.54 -17.23
CA VAL C 37 -24.05 -11.13 -18.59
C VAL C 37 -22.89 -10.48 -19.37
N ARG C 38 -22.74 -10.84 -20.64
CA ARG C 38 -21.65 -10.30 -21.49
C ARG C 38 -22.12 -9.35 -22.61
N GLN C 39 -21.43 -8.22 -22.73
CA GLN C 39 -21.63 -7.29 -23.86
C GLN C 39 -20.30 -6.96 -24.56
N ALA C 40 -20.13 -7.55 -25.75
CA ALA C 40 -18.97 -7.29 -26.61
C ALA C 40 -19.44 -6.64 -27.90
N PRO C 41 -19.17 -5.32 -28.05
CA PRO C 41 -19.54 -4.58 -29.26
C PRO C 41 -19.49 -5.44 -30.53
N GLY C 42 -20.63 -5.54 -31.21
CA GLY C 42 -20.75 -6.32 -32.44
C GLY C 42 -21.40 -7.67 -32.29
N GLN C 43 -21.82 -8.00 -31.07
CA GLN C 43 -22.48 -9.28 -30.78
C GLN C 43 -23.64 -9.18 -29.75
N GLY C 44 -23.94 -7.96 -29.32
CA GLY C 44 -25.05 -7.69 -28.40
C GLY C 44 -24.86 -8.22 -26.99
N LEU C 45 -25.97 -8.42 -26.29
CA LEU C 45 -25.96 -8.93 -24.92
C LEU C 45 -26.10 -10.45 -24.90
N GLU C 46 -25.40 -11.12 -23.96
CA GLU C 46 -25.47 -12.59 -23.84
C GLU C 46 -25.48 -13.12 -22.40
N TRP C 47 -26.38 -14.05 -22.11
CA TRP C 47 -26.53 -14.63 -20.77
C TRP C 47 -25.53 -15.76 -20.54
N ILE C 48 -24.79 -15.67 -19.44
CA ILE C 48 -23.78 -16.68 -19.11
C ILE C 48 -24.31 -17.77 -18.18
N GLY C 49 -24.76 -17.38 -16.98
CA GLY C 49 -25.29 -18.33 -16.01
C GLY C 49 -25.53 -17.69 -14.66
N TYR C 50 -25.87 -18.51 -13.67
CA TYR C 50 -26.14 -18.01 -12.31
C TYR C 50 -25.64 -18.94 -11.20
N ILE C 51 -25.48 -18.38 -10.00
CA ILE C 51 -25.20 -19.15 -8.80
C ILE C 51 -26.25 -18.87 -7.72
N ASN C 52 -26.75 -19.92 -7.09
CA ASN C 52 -27.62 -19.80 -5.93
C ASN C 52 -26.76 -19.76 -4.67
N PRO C 53 -26.68 -18.59 -4.00
CA PRO C 53 -25.72 -18.44 -2.89
C PRO C 53 -26.17 -19.17 -1.63
N SER C 54 -27.47 -19.46 -1.55
CA SER C 54 -28.06 -20.18 -0.43
C SER C 54 -27.57 -21.63 -0.38
N THR C 55 -27.43 -22.25 -1.55
CA THR C 55 -27.18 -23.69 -1.65
C THR C 55 -25.98 -24.06 -2.53
N GLY C 56 -25.39 -23.07 -3.18
CA GLY C 56 -24.18 -23.28 -3.99
C GLY C 56 -24.43 -23.78 -5.39
N TYR C 57 -25.70 -24.01 -5.75
CA TYR C 57 -26.07 -24.54 -7.06
C TYR C 57 -25.62 -23.63 -8.20
N THR C 58 -25.31 -24.26 -9.34
CA THR C 58 -24.72 -23.59 -10.48
C THR C 58 -25.43 -24.01 -11.78
N GLU C 59 -25.61 -23.07 -12.69
CA GLU C 59 -26.28 -23.33 -13.97
C GLU C 59 -25.65 -22.50 -15.09
N TYR C 60 -25.35 -23.16 -16.22
CA TYR C 60 -24.60 -22.55 -17.30
C TYR C 60 -25.27 -22.62 -18.66
N ASN C 61 -25.05 -21.59 -19.46
CA ASN C 61 -25.31 -21.60 -20.90
C ASN C 61 -24.32 -22.57 -21.54
N GLN C 62 -24.82 -23.39 -22.47
CA GLN C 62 -23.99 -24.42 -23.10
C GLN C 62 -22.73 -23.84 -23.74
N LYS C 63 -22.91 -22.74 -24.47
CA LYS C 63 -21.83 -22.04 -25.17
C LYS C 63 -20.67 -21.60 -24.27
N PHE C 64 -20.98 -21.33 -23.00
CA PHE C 64 -19.98 -20.88 -22.02
C PHE C 64 -19.54 -21.97 -21.04
N LYS C 65 -19.89 -23.22 -21.34
CA LYS C 65 -19.72 -24.34 -20.42
C LYS C 65 -18.32 -24.43 -19.79
N ASP C 66 -17.29 -24.31 -20.62
CA ASP C 66 -15.91 -24.48 -20.19
C ASP C 66 -15.11 -23.18 -20.19
N LYS C 67 -15.78 -22.07 -20.41
CA LYS C 67 -15.14 -20.75 -20.44
C LYS C 67 -15.23 -20.04 -19.08
N ALA C 68 -16.35 -20.21 -18.39
CA ALA C 68 -16.63 -19.48 -17.14
C ALA C 68 -16.84 -20.38 -15.93
N THR C 69 -16.60 -19.82 -14.73
CA THR C 69 -16.85 -20.50 -13.47
C THR C 69 -17.29 -19.51 -12.39
N ILE C 70 -18.54 -19.66 -11.93
CA ILE C 70 -19.13 -18.72 -10.97
C ILE C 70 -19.13 -19.26 -9.53
N THR C 71 -18.71 -18.42 -8.60
CA THR C 71 -18.71 -18.77 -7.17
C THR C 71 -19.23 -17.57 -6.37
N ALA C 72 -19.59 -17.83 -5.11
CA ALA C 72 -20.09 -16.79 -4.20
C ALA C 72 -19.60 -17.03 -2.78
N ASP C 73 -19.56 -15.97 -1.98
CA ASP C 73 -19.09 -16.03 -0.59
C ASP C 73 -19.91 -15.12 0.33
N GLU C 74 -20.54 -15.73 1.33
CA GLU C 74 -21.41 -15.03 2.28
C GLU C 74 -20.62 -14.19 3.28
N SER C 75 -19.37 -14.59 3.51
CA SER C 75 -18.48 -13.92 4.46
C SER C 75 -18.31 -12.44 4.13
N THR C 76 -18.26 -12.12 2.85
CA THR C 76 -18.05 -10.75 2.38
C THR C 76 -19.23 -10.20 1.58
N ASN C 77 -20.24 -11.04 1.33
CA ASN C 77 -21.36 -10.69 0.47
C ASN C 77 -20.97 -10.40 -0.98
N THR C 78 -20.02 -11.18 -1.52
CA THR C 78 -19.53 -10.95 -2.88
C THR C 78 -19.67 -12.18 -3.77
N ALA C 79 -19.97 -11.95 -5.05
CA ALA C 79 -19.99 -13.01 -6.05
C ALA C 79 -18.87 -12.79 -7.06
N TYR C 80 -18.38 -13.89 -7.63
CA TYR C 80 -17.20 -13.87 -8.49
C TYR C 80 -17.44 -14.65 -9.78
N MET C 81 -16.65 -14.33 -10.80
CA MET C 81 -16.75 -14.99 -12.09
C MET C 81 -15.37 -15.04 -12.74
N GLU C 82 -14.91 -16.25 -13.06
CA GLU C 82 -13.56 -16.44 -13.59
C GLU C 82 -13.55 -16.92 -15.04
N LEU C 83 -12.77 -16.24 -15.88
CA LEU C 83 -12.65 -16.56 -17.30
C LEU C 83 -11.31 -17.20 -17.62
N SER C 84 -11.36 -18.40 -18.18
CA SER C 84 -10.17 -19.22 -18.40
C SER C 84 -9.77 -19.32 -19.87
N SER C 85 -8.50 -19.65 -20.13
CA SER C 85 -7.92 -19.79 -21.48
C SER C 85 -8.27 -18.62 -22.40
N LEU C 86 -7.86 -17.42 -21.99
CA LEU C 86 -8.22 -16.17 -22.69
C LEU C 86 -7.70 -16.09 -24.12
N ARG C 87 -8.58 -15.62 -25.02
CA ARG C 87 -8.17 -15.28 -26.38
C ARG C 87 -8.74 -13.92 -26.79
N SER C 88 -8.57 -13.55 -28.06
CA SER C 88 -9.04 -12.25 -28.58
C SER C 88 -10.56 -12.09 -28.45
N GLU C 89 -11.28 -13.08 -28.97
CA GLU C 89 -12.74 -13.08 -29.05
C GLU C 89 -13.42 -12.88 -27.69
N ASP C 90 -12.64 -12.88 -26.62
CA ASP C 90 -13.17 -12.72 -25.27
C ASP C 90 -13.23 -11.27 -24.78
N THR C 91 -12.76 -10.33 -25.60
CA THR C 91 -12.69 -8.92 -25.21
C THR C 91 -14.08 -8.28 -25.14
N ALA C 92 -14.48 -7.88 -23.92
CA ALA C 92 -15.83 -7.39 -23.66
C ALA C 92 -16.00 -6.69 -22.32
N VAL C 93 -17.20 -6.16 -22.09
CA VAL C 93 -17.64 -5.65 -20.78
C VAL C 93 -18.52 -6.71 -20.11
N TYR C 94 -18.41 -6.81 -18.78
CA TYR C 94 -19.09 -7.86 -18.03
C TYR C 94 -19.86 -7.27 -16.85
N TYR C 95 -21.14 -7.65 -16.73
CA TYR C 95 -21.99 -7.18 -15.64
C TYR C 95 -22.42 -8.33 -14.73
N CYS C 96 -22.68 -8.01 -13.46
CA CYS C 96 -23.46 -8.88 -12.58
C CYS C 96 -24.89 -8.32 -12.45
N ALA C 97 -25.88 -9.19 -12.54
CA ALA C 97 -27.27 -8.81 -12.39
C ALA C 97 -27.97 -9.66 -11.33
N ARG C 98 -28.91 -9.04 -10.62
CA ARG C 98 -29.58 -9.67 -9.49
C ARG C 98 -30.86 -10.41 -9.91
N GLY C 99 -31.04 -11.61 -9.37
CA GLY C 99 -32.18 -12.47 -9.72
C GLY C 99 -33.45 -12.18 -8.95
N GLY C 100 -34.43 -13.03 -9.19
CA GLY C 100 -35.75 -12.93 -8.59
C GLY C 100 -36.86 -12.47 -9.50
N GLY C 101 -36.65 -12.45 -10.79
CA GLY C 101 -37.62 -11.93 -11.73
C GLY C 101 -36.91 -11.43 -12.94
N VAL C 102 -37.29 -10.31 -13.49
CA VAL C 102 -36.55 -9.78 -14.61
C VAL C 102 -35.38 -9.01 -14.04
N PHE C 103 -34.23 -8.94 -14.70
CA PHE C 103 -33.12 -8.21 -14.08
C PHE C 103 -33.46 -6.72 -13.88
N ASP C 104 -33.28 -6.25 -12.65
CA ASP C 104 -33.65 -4.88 -12.27
C ASP C 104 -32.44 -4.09 -11.77
N TYR C 105 -31.53 -4.77 -11.07
CA TYR C 105 -30.34 -4.15 -10.50
C TYR C 105 -29.10 -4.71 -11.15
N TRP C 106 -28.18 -3.81 -11.54
CA TRP C 106 -27.00 -4.16 -12.30
C TRP C 106 -25.77 -3.50 -11.68
N GLY C 107 -24.59 -4.05 -11.96
CA GLY C 107 -23.33 -3.37 -11.61
C GLY C 107 -22.98 -2.35 -12.69
N GLN C 108 -21.89 -1.62 -12.50
CA GLN C 108 -21.46 -0.66 -13.53
C GLN C 108 -20.82 -1.37 -14.73
N GLY C 109 -19.95 -2.35 -14.45
CA GLY C 109 -19.29 -3.10 -15.52
C GLY C 109 -17.78 -3.19 -15.37
N THR C 110 -17.18 -4.12 -16.11
CA THR C 110 -15.73 -4.36 -16.05
C THR C 110 -15.17 -4.64 -17.45
N LEU C 111 -14.26 -3.77 -17.92
CA LEU C 111 -13.63 -3.98 -19.21
C LEU C 111 -12.51 -5.01 -19.10
N VAL C 112 -12.51 -5.97 -20.02
CA VAL C 112 -11.43 -6.95 -20.10
C VAL C 112 -10.92 -7.06 -21.53
N THR C 113 -9.74 -6.49 -21.79
CA THR C 113 -9.12 -6.53 -23.13
C THR C 113 -7.99 -7.56 -23.19
N VAL C 114 -8.00 -8.39 -24.23
CA VAL C 114 -6.97 -9.42 -24.43
C VAL C 114 -6.18 -9.23 -25.73
N SER C 115 -4.88 -8.98 -25.60
CA SER C 115 -3.95 -8.88 -26.72
C SER C 115 -2.52 -9.23 -26.31
N SER C 116 -1.67 -9.49 -27.31
CA SER C 116 -0.27 -9.81 -27.06
C SER C 116 0.63 -8.57 -26.96
N ALA C 117 0.11 -7.41 -27.39
CA ALA C 117 0.86 -6.16 -27.37
C ALA C 117 1.33 -5.77 -25.96
N SER C 118 2.43 -5.03 -25.89
CA SER C 118 2.98 -4.54 -24.63
C SER C 118 2.99 -3.01 -24.58
N THR C 119 2.96 -2.45 -23.38
CA THR C 119 2.92 -1.01 -23.16
C THR C 119 3.88 -0.21 -24.05
N LYS C 120 3.37 0.88 -24.60
CA LYS C 120 4.17 1.78 -25.43
C LYS C 120 3.64 3.21 -25.31
N GLY C 121 4.55 4.18 -25.36
CA GLY C 121 4.18 5.59 -25.40
C GLY C 121 3.87 6.02 -26.82
N PRO C 122 3.18 7.16 -26.98
CA PRO C 122 2.84 7.68 -28.32
C PRO C 122 3.93 8.54 -28.96
N SER C 123 3.89 8.62 -30.28
CA SER C 123 4.78 9.50 -31.06
C SER C 123 3.93 10.57 -31.78
N VAL C 124 4.23 11.84 -31.53
CA VAL C 124 3.34 12.92 -31.95
C VAL C 124 3.87 13.78 -33.10
N PHE C 125 3.16 13.77 -34.23
CA PHE C 125 3.50 14.57 -35.40
C PHE C 125 2.42 15.62 -35.67
N PRO C 126 2.82 16.81 -36.18
CA PRO C 126 1.84 17.86 -36.43
C PRO C 126 1.07 17.68 -37.74
N LEU C 127 -0.06 18.38 -37.87
CA LEU C 127 -0.76 18.52 -39.15
C LEU C 127 -0.72 19.96 -39.63
N ALA C 128 0.11 20.20 -40.65
CA ALA C 128 0.42 21.54 -41.16
C ALA C 128 -0.79 22.29 -41.73
N PRO C 129 -0.89 23.60 -41.43
CA PRO C 129 -1.96 24.46 -41.94
C PRO C 129 -1.94 24.53 -43.46
N LYS C 132 -1.16 28.92 -45.39
CA LYS C 132 -2.46 29.12 -45.99
C LYS C 132 -2.94 30.57 -45.85
N SER C 133 -2.59 31.22 -44.74
CA SER C 133 -2.98 32.61 -44.45
C SER C 133 -2.71 33.55 -45.62
N THR C 134 -3.31 34.75 -45.56
CA THR C 134 -3.15 35.79 -46.58
C THR C 134 -4.39 35.88 -47.48
N SER C 135 -5.16 34.79 -47.55
CA SER C 135 -6.44 34.79 -48.25
C SER C 135 -7.59 34.90 -47.25
N GLY C 136 -8.82 34.75 -47.71
CA GLY C 136 -9.98 34.66 -46.83
C GLY C 136 -10.05 33.27 -46.22
N GLY C 137 -11.25 32.74 -46.05
CA GLY C 137 -11.43 31.33 -45.65
C GLY C 137 -10.90 30.93 -44.29
N THR C 138 -11.40 29.80 -43.80
CA THR C 138 -10.96 29.25 -42.52
C THR C 138 -9.90 28.16 -42.77
N ALA C 139 -9.03 27.97 -41.78
CA ALA C 139 -7.94 26.99 -41.87
C ALA C 139 -8.07 25.88 -40.83
N ALA C 140 -7.52 24.71 -41.14
CA ALA C 140 -7.51 23.58 -40.23
C ALA C 140 -6.09 23.17 -39.86
N LEU C 141 -5.89 22.82 -38.59
CA LEU C 141 -4.59 22.32 -38.10
C LEU C 141 -4.80 21.37 -36.92
N GLY C 142 -3.88 20.43 -36.74
CA GLY C 142 -4.03 19.46 -35.66
C GLY C 142 -2.80 18.64 -35.29
N CYS C 143 -3.02 17.66 -34.42
CA CYS C 143 -1.99 16.72 -33.97
C CYS C 143 -2.37 15.29 -34.32
N LEU C 144 -1.40 14.50 -34.75
CA LEU C 144 -1.59 13.06 -34.99
C LEU C 144 -0.83 12.25 -33.95
N VAL C 145 -1.57 11.54 -33.12
CA VAL C 145 -1.01 10.71 -32.06
C VAL C 145 -0.93 9.28 -32.56
N LYS C 146 0.30 8.78 -32.74
CA LYS C 146 0.53 7.51 -33.41
C LYS C 146 1.24 6.46 -32.55
N ASP C 147 0.91 5.20 -32.82
CA ASP C 147 1.58 4.00 -32.26
C ASP C 147 1.67 3.96 -30.72
N TYR C 148 0.60 3.49 -30.09
CA TYR C 148 0.55 3.36 -28.63
C TYR C 148 -0.35 2.19 -28.19
N PHE C 149 -0.22 1.82 -26.91
CA PHE C 149 -1.01 0.75 -26.30
C PHE C 149 -0.81 0.76 -24.77
N PRO C 150 -1.91 0.64 -24.01
CA PRO C 150 -3.30 0.58 -24.39
C PRO C 150 -4.01 1.93 -24.24
N GLU C 151 -5.33 1.95 -24.44
CA GLU C 151 -6.14 3.15 -24.26
C GLU C 151 -6.26 3.51 -22.77
N PRO C 152 -6.64 4.77 -22.45
CA PRO C 152 -6.98 5.90 -23.30
C PRO C 152 -5.87 6.94 -23.42
N VAL C 153 -6.12 7.96 -24.24
CA VAL C 153 -5.22 9.11 -24.40
C VAL C 153 -6.03 10.41 -24.25
N THR C 154 -5.41 11.43 -23.65
CA THR C 154 -6.04 12.75 -23.53
C THR C 154 -5.35 13.80 -24.43
N VAL C 155 -6.16 14.68 -25.03
CA VAL C 155 -5.64 15.78 -25.86
C VAL C 155 -6.34 17.10 -25.51
N SER C 156 -5.54 18.17 -25.38
CA SER C 156 -6.04 19.50 -25.05
C SER C 156 -5.36 20.55 -25.94
N TRP C 157 -6.05 21.68 -26.19
CA TRP C 157 -5.47 22.74 -27.00
C TRP C 157 -5.18 24.01 -26.20
N ASN C 158 -3.93 24.48 -26.30
CA ASN C 158 -3.41 25.62 -25.52
C ASN C 158 -3.78 25.57 -24.05
N SER C 159 -3.53 24.42 -23.43
CA SER C 159 -3.83 24.18 -22.01
C SER C 159 -5.27 24.58 -21.64
N GLY C 160 -6.22 24.14 -22.44
CA GLY C 160 -7.65 24.42 -22.21
C GLY C 160 -8.11 25.83 -22.52
N ALA C 161 -7.30 26.58 -23.27
CA ALA C 161 -7.65 27.96 -23.61
C ALA C 161 -8.76 28.02 -24.66
N LEU C 162 -8.59 27.26 -25.74
CA LEU C 162 -9.61 27.21 -26.79
C LEU C 162 -10.27 25.83 -26.92
N THR C 163 -11.60 25.84 -26.96
CA THR C 163 -12.40 24.63 -27.09
C THR C 163 -13.31 24.72 -28.30
N SER C 164 -13.50 25.94 -28.79
CA SER C 164 -14.36 26.24 -29.93
C SER C 164 -13.82 25.64 -31.23
N GLY C 165 -14.65 24.83 -31.88
CA GLY C 165 -14.31 24.21 -33.17
C GLY C 165 -13.28 23.10 -33.11
N VAL C 166 -13.30 22.31 -32.04
CA VAL C 166 -12.33 21.23 -31.85
C VAL C 166 -12.96 19.85 -32.03
N HIS C 167 -12.23 18.92 -32.64
CA HIS C 167 -12.71 17.57 -32.85
C HIS C 167 -11.64 16.51 -32.57
N THR C 168 -11.91 15.66 -31.58
CA THR C 168 -11.03 14.54 -31.25
C THR C 168 -11.69 13.21 -31.61
N PHE C 169 -10.98 12.37 -32.35
CA PHE C 169 -11.56 11.14 -32.89
C PHE C 169 -11.37 9.88 -32.01
N PRO C 170 -12.33 8.93 -32.08
CA PRO C 170 -12.14 7.59 -31.52
C PRO C 170 -10.97 6.85 -32.17
N ALA C 171 -10.27 6.04 -31.38
CA ALA C 171 -9.07 5.32 -31.84
C ALA C 171 -9.39 4.11 -32.73
N VAL C 172 -8.44 3.75 -33.59
CA VAL C 172 -8.52 2.53 -34.38
C VAL C 172 -7.42 1.53 -34.04
N LEU C 173 -7.75 0.24 -34.18
CA LEU C 173 -6.79 -0.82 -33.95
C LEU C 173 -6.15 -1.20 -35.28
N GLN C 174 -4.85 -0.99 -35.37
CA GLN C 174 -4.09 -1.33 -36.57
C GLN C 174 -3.58 -2.77 -36.49
N SER C 175 -3.03 -3.28 -37.61
CA SER C 175 -2.50 -4.64 -37.68
C SER C 175 -1.23 -4.85 -36.85
N SER C 176 -0.48 -3.78 -36.61
CA SER C 176 0.64 -3.79 -35.68
C SER C 176 0.18 -4.26 -34.30
N GLY C 177 -1.08 -3.95 -33.99
CA GLY C 177 -1.65 -4.25 -32.68
C GLY C 177 -1.69 -3.03 -31.79
N LEU C 178 -1.28 -1.89 -32.34
CA LEU C 178 -1.20 -0.64 -31.58
C LEU C 178 -2.25 0.35 -32.07
N TYR C 179 -2.54 1.35 -31.25
CA TYR C 179 -3.57 2.36 -31.56
C TYR C 179 -2.99 3.65 -32.13
N SER C 180 -3.85 4.43 -32.78
CA SER C 180 -3.47 5.74 -33.35
C SER C 180 -4.70 6.61 -33.59
N LEU C 181 -4.61 7.87 -33.19
CA LEU C 181 -5.70 8.84 -33.40
C LEU C 181 -5.17 10.23 -33.73
N SER C 182 -6.07 11.12 -34.16
CA SER C 182 -5.71 12.52 -34.39
C SER C 182 -6.78 13.51 -33.90
N SER C 183 -6.32 14.68 -33.47
CA SER C 183 -7.19 15.78 -33.04
C SER C 183 -7.00 16.99 -33.95
N VAL C 184 -8.08 17.74 -34.18
CA VAL C 184 -8.07 18.88 -35.10
C VAL C 184 -8.84 20.08 -34.55
N VAL C 185 -8.69 21.24 -35.20
CA VAL C 185 -9.44 22.47 -34.88
C VAL C 185 -9.46 23.42 -36.08
N THR C 186 -10.56 24.14 -36.24
CA THR C 186 -10.72 25.10 -37.33
C THR C 186 -10.54 26.53 -36.82
N VAL C 187 -9.64 27.27 -37.47
CA VAL C 187 -9.35 28.66 -37.12
C VAL C 187 -9.42 29.59 -38.33
N PRO C 188 -9.68 30.90 -38.12
CA PRO C 188 -9.58 31.83 -39.24
C PRO C 188 -8.13 32.05 -39.64
N SER C 189 -7.88 32.11 -40.95
CA SER C 189 -6.52 32.26 -41.49
C SER C 189 -5.88 33.62 -41.16
N SER C 190 -6.68 34.56 -40.67
CA SER C 190 -6.18 35.84 -40.16
C SER C 190 -5.24 35.61 -38.98
N SER C 191 -5.63 34.69 -38.10
CA SER C 191 -4.92 34.40 -36.85
C SER C 191 -3.60 33.67 -37.03
N LEU C 192 -3.33 33.21 -38.25
CA LEU C 192 -2.14 32.41 -38.55
C LEU C 192 -0.85 33.09 -38.10
N GLY C 193 -0.78 34.42 -38.23
CA GLY C 193 0.38 35.19 -37.78
C GLY C 193 0.24 35.69 -36.35
N THR C 194 -0.98 36.00 -35.94
CA THR C 194 -1.25 36.63 -34.65
C THR C 194 -0.99 35.71 -33.44
N GLN C 195 -1.55 34.50 -33.48
CA GLN C 195 -1.53 33.62 -32.31
C GLN C 195 -0.71 32.34 -32.48
N THR C 196 -0.62 31.57 -31.40
CA THR C 196 0.07 30.28 -31.38
C THR C 196 -0.91 29.16 -31.01
N TYR C 197 -0.59 27.94 -31.43
CA TYR C 197 -1.41 26.78 -31.09
C TYR C 197 -0.53 25.63 -30.63
N ILE C 198 -0.77 25.16 -29.41
CA ILE C 198 -0.04 24.03 -28.84
C ILE C 198 -1.06 22.98 -28.40
N CYS C 199 -0.85 21.73 -28.83
CA CYS C 199 -1.68 20.63 -28.33
C CYS C 199 -0.95 19.88 -27.23
N ASN C 200 -1.69 19.53 -26.18
CA ASN C 200 -1.12 18.87 -25.00
C ASN C 200 -1.67 17.45 -24.84
N VAL C 201 -0.77 16.47 -24.92
CA VAL C 201 -1.13 15.06 -24.87
C VAL C 201 -0.67 14.41 -23.57
N ASN C 202 -1.50 13.53 -23.02
CA ASN C 202 -1.14 12.73 -21.85
C ASN C 202 -1.57 11.27 -21.98
N HIS C 203 -0.60 10.37 -21.78
CA HIS C 203 -0.82 8.92 -21.83
C HIS C 203 -0.39 8.35 -20.48
N LYS C 204 -1.38 8.09 -19.62
CA LYS C 204 -1.16 7.67 -18.23
C LYS C 204 -0.28 6.42 -18.05
N PRO C 205 -0.64 5.27 -18.68
CA PRO C 205 0.14 4.04 -18.56
C PRO C 205 1.64 4.14 -18.87
N SER C 206 2.08 5.28 -19.41
CA SER C 206 3.51 5.48 -19.73
C SER C 206 4.08 6.70 -19.02
N ASN C 207 3.21 7.49 -18.38
CA ASN C 207 3.57 8.79 -17.79
C ASN C 207 4.03 9.82 -18.82
N THR C 208 3.68 9.58 -20.09
CA THR C 208 4.02 10.48 -21.19
C THR C 208 3.18 11.75 -21.12
N LYS C 209 3.84 12.89 -21.33
CA LYS C 209 3.18 14.18 -21.29
C LYS C 209 3.97 15.14 -22.17
N VAL C 210 3.60 15.21 -23.44
CA VAL C 210 4.36 15.98 -24.43
C VAL C 210 3.59 17.20 -24.94
N ASP C 211 4.29 18.07 -25.65
CA ASP C 211 3.70 19.22 -26.32
C ASP C 211 4.28 19.37 -27.72
N LYS C 212 3.44 19.77 -28.67
CA LYS C 212 3.89 20.00 -30.03
C LYS C 212 3.27 21.29 -30.53
N LYS C 213 4.13 22.24 -30.86
CA LYS C 213 3.72 23.51 -31.44
C LYS C 213 3.53 23.31 -32.94
N VAL C 214 2.37 23.75 -33.46
CA VAL C 214 2.07 23.66 -34.88
C VAL C 214 2.36 24.97 -35.62
N GLU C 215 3.21 24.88 -36.64
CA GLU C 215 3.67 26.04 -37.39
C GLU C 215 3.29 25.94 -38.87
N PRO C 216 3.12 27.09 -39.56
CA PRO C 216 2.89 27.09 -41.01
C PRO C 216 4.11 26.65 -41.80
N ASP D 1 -31.95 -22.85 -29.09
CA ASP D 1 -31.78 -21.42 -28.69
C ASP D 1 -32.76 -20.52 -29.47
N ILE D 2 -33.53 -19.74 -28.73
CA ILE D 2 -34.54 -18.86 -29.32
C ILE D 2 -33.91 -17.54 -29.75
N GLN D 3 -33.75 -17.37 -31.06
CA GLN D 3 -33.17 -16.14 -31.58
C GLN D 3 -34.23 -15.07 -31.79
N MET D 4 -33.79 -13.81 -31.75
CA MET D 4 -34.71 -12.67 -31.83
C MET D 4 -34.15 -11.57 -32.72
N THR D 5 -34.90 -11.22 -33.76
CA THR D 5 -34.50 -10.18 -34.70
C THR D 5 -35.37 -8.95 -34.51
N GLN D 6 -34.75 -7.81 -34.25
CA GLN D 6 -35.50 -6.57 -34.17
C GLN D 6 -35.21 -5.61 -35.32
N SER D 7 -36.21 -4.82 -35.69
CA SER D 7 -36.12 -3.93 -36.83
C SER D 7 -36.78 -2.57 -36.55
N PRO D 8 -36.15 -1.47 -37.00
CA PRO D 8 -34.88 -1.47 -37.73
C PRO D 8 -33.68 -1.51 -36.80
N SER D 9 -32.49 -1.55 -37.38
CA SER D 9 -31.26 -1.50 -36.61
C SER D 9 -30.86 -0.07 -36.25
N THR D 10 -31.35 0.89 -37.04
CA THR D 10 -31.11 2.32 -36.79
C THR D 10 -32.36 3.15 -37.15
N LEU D 11 -32.68 4.13 -36.30
CA LEU D 11 -33.89 4.93 -36.49
C LEU D 11 -33.66 6.40 -36.18
N SER D 12 -33.77 7.24 -37.21
CA SER D 12 -33.62 8.68 -37.05
C SER D 12 -34.97 9.38 -36.98
N ALA D 13 -35.17 10.16 -35.91
CA ALA D 13 -36.45 10.83 -35.67
C ALA D 13 -36.31 12.13 -34.87
N SER D 14 -37.39 12.90 -34.84
CA SER D 14 -37.39 14.22 -34.22
C SER D 14 -38.32 14.27 -33.01
N VAL D 15 -38.09 15.26 -32.14
CA VAL D 15 -38.94 15.50 -30.98
C VAL D 15 -40.38 15.73 -31.44
N GLY D 16 -41.30 14.91 -30.94
CA GLY D 16 -42.72 15.00 -31.28
C GLY D 16 -43.30 13.79 -32.00
N ASP D 17 -42.43 13.00 -32.62
CA ASP D 17 -42.83 11.85 -33.44
C ASP D 17 -43.35 10.68 -32.63
N ARG D 18 -44.20 9.86 -33.25
CA ARG D 18 -44.61 8.59 -32.71
C ARG D 18 -43.63 7.53 -33.20
N VAL D 19 -43.18 6.66 -32.30
CA VAL D 19 -42.15 5.67 -32.62
C VAL D 19 -42.58 4.25 -32.29
N THR D 20 -42.06 3.28 -33.04
CA THR D 20 -42.32 1.86 -32.84
C THR D 20 -41.15 0.93 -33.26
N ILE D 21 -40.72 0.08 -32.34
CA ILE D 21 -39.72 -0.96 -32.60
C ILE D 21 -40.45 -2.29 -32.71
N THR D 22 -39.83 -3.29 -33.35
CA THR D 22 -40.45 -4.60 -33.54
C THR D 22 -39.48 -5.77 -33.36
N CYS D 23 -39.87 -6.74 -32.53
CA CYS D 23 -39.03 -7.89 -32.17
C CYS D 23 -39.74 -9.19 -32.57
N SER D 24 -39.05 -10.06 -33.31
CA SER D 24 -39.63 -11.32 -33.78
C SER D 24 -38.83 -12.58 -33.39
N ALA D 25 -39.53 -13.58 -32.85
CA ALA D 25 -38.89 -14.76 -32.27
C ALA D 25 -38.99 -16.02 -33.14
N SER D 26 -37.97 -16.87 -33.06
CA SER D 26 -37.85 -18.09 -33.86
C SER D 26 -38.82 -19.21 -33.46
N SER D 27 -39.55 -18.98 -32.37
CA SER D 27 -40.62 -19.90 -31.90
C SER D 27 -41.53 -19.19 -30.90
N SER D 28 -42.69 -19.79 -30.65
CA SER D 28 -43.76 -19.16 -29.86
C SER D 28 -43.38 -18.88 -28.40
N ILE D 29 -43.81 -17.72 -27.91
CA ILE D 29 -43.50 -17.21 -26.56
C ILE D 29 -44.70 -16.43 -26.02
N SER D 30 -44.87 -16.41 -24.70
CA SER D 30 -46.03 -15.75 -24.08
C SER D 30 -45.81 -14.28 -23.63
N TYR D 31 -44.62 -13.95 -23.14
CA TYR D 31 -44.31 -12.59 -22.66
C TYR D 31 -42.97 -12.07 -23.19
N MET D 32 -42.85 -10.74 -23.30
CA MET D 32 -41.61 -10.08 -23.74
C MET D 32 -41.21 -8.96 -22.77
N HIS D 33 -39.91 -8.66 -22.70
CA HIS D 33 -39.41 -7.54 -21.90
C HIS D 33 -38.52 -6.58 -22.73
N TRP D 34 -38.33 -5.34 -22.23
CA TRP D 34 -37.57 -4.31 -22.96
C TRP D 34 -36.63 -3.46 -22.08
N TYR D 35 -35.47 -3.09 -22.64
CA TYR D 35 -34.43 -2.32 -21.93
C TYR D 35 -34.00 -1.05 -22.68
N GLN D 36 -33.50 -0.07 -21.92
CA GLN D 36 -32.95 1.19 -22.48
C GLN D 36 -31.50 1.38 -22.02
N GLN D 37 -30.60 1.65 -22.96
CA GLN D 37 -29.18 1.85 -22.63
C GLN D 37 -28.58 3.12 -23.24
N LYS D 38 -28.09 4.01 -22.37
CA LYS D 38 -27.35 5.20 -22.77
C LYS D 38 -25.84 4.92 -22.69
N PRO D 39 -25.03 5.55 -23.58
CA PRO D 39 -23.59 5.20 -23.63
C PRO D 39 -22.89 5.34 -22.27
N GLY D 40 -22.03 4.38 -21.95
CA GLY D 40 -21.26 4.41 -20.72
C GLY D 40 -21.93 3.83 -19.48
N LYS D 41 -23.23 3.55 -19.56
CA LYS D 41 -23.97 3.01 -18.41
C LYS D 41 -24.74 1.72 -18.72
N ALA D 42 -25.27 1.10 -17.67
CA ALA D 42 -25.92 -0.22 -17.76
C ALA D 42 -27.36 -0.11 -18.25
N PRO D 43 -27.86 -1.16 -18.94
CA PRO D 43 -29.26 -1.17 -19.36
C PRO D 43 -30.20 -1.07 -18.17
N LYS D 44 -31.15 -0.12 -18.23
CA LYS D 44 -32.19 -0.02 -17.22
C LYS D 44 -33.50 -0.60 -17.76
N LEU D 45 -34.40 -0.98 -16.85
CA LEU D 45 -35.66 -1.60 -17.21
C LEU D 45 -36.68 -0.57 -17.65
N LEU D 46 -37.36 -0.83 -18.76
CA LEU D 46 -38.41 0.07 -19.25
C LEU D 46 -39.82 -0.46 -18.95
N ILE D 47 -40.22 -1.48 -19.70
CA ILE D 47 -41.52 -2.10 -19.54
C ILE D 47 -41.34 -3.60 -19.37
N TYR D 48 -42.16 -4.21 -18.51
CA TYR D 48 -42.07 -5.64 -18.23
C TYR D 48 -43.39 -6.36 -18.47
N THR D 49 -43.31 -7.67 -18.75
CA THR D 49 -44.49 -8.51 -19.00
C THR D 49 -45.33 -7.93 -20.15
N THR D 50 -44.66 -7.55 -21.23
CA THR D 50 -45.33 -7.08 -22.46
C THR D 50 -45.79 -5.62 -22.46
N SER D 51 -46.35 -5.12 -21.36
CA SER D 51 -46.97 -3.78 -21.37
C SER D 51 -46.96 -2.95 -20.07
N ASN D 52 -46.34 -3.45 -19.01
CA ASN D 52 -46.34 -2.73 -17.72
C ASN D 52 -45.18 -1.76 -17.59
N LEU D 53 -45.46 -0.54 -17.14
CA LEU D 53 -44.40 0.45 -16.90
C LEU D 53 -43.67 0.16 -15.60
N ALA D 54 -42.35 0.01 -15.67
CA ALA D 54 -41.52 -0.03 -14.47
C ALA D 54 -41.63 1.33 -13.78
N SER D 55 -41.19 1.41 -12.53
CA SER D 55 -41.33 2.66 -11.77
C SER D 55 -40.38 3.74 -12.28
N GLY D 56 -40.90 4.98 -12.34
CA GLY D 56 -40.10 6.13 -12.79
C GLY D 56 -40.03 6.31 -14.31
N VAL D 57 -40.71 5.43 -15.04
CA VAL D 57 -40.87 5.57 -16.49
C VAL D 57 -42.09 6.46 -16.77
N PRO D 58 -41.96 7.47 -17.67
CA PRO D 58 -43.08 8.36 -18.06
C PRO D 58 -44.17 7.69 -18.92
N ALA D 59 -45.39 8.22 -18.80
CA ALA D 59 -46.60 7.65 -19.41
C ALA D 59 -46.57 7.43 -20.93
N ARG D 60 -45.69 8.15 -21.62
CA ARG D 60 -45.57 8.02 -23.08
C ARG D 60 -45.12 6.64 -23.57
N PHE D 61 -44.57 5.81 -22.70
CA PHE D 61 -44.13 4.46 -23.10
C PHE D 61 -45.25 3.41 -22.97
N SER D 62 -45.17 2.35 -23.77
CA SER D 62 -46.07 1.19 -23.73
C SER D 62 -45.65 0.10 -24.72
N GLY D 63 -46.21 -1.10 -24.59
CA GLY D 63 -45.88 -2.23 -25.49
C GLY D 63 -47.02 -3.20 -25.73
N SER D 64 -46.86 -4.11 -26.70
CA SER D 64 -47.87 -5.12 -27.05
C SER D 64 -47.30 -6.30 -27.84
N GLY D 65 -48.15 -7.32 -28.08
CA GLY D 65 -47.78 -8.47 -28.90
C GLY D 65 -48.21 -9.82 -28.35
N SER D 66 -48.01 -10.88 -29.14
CA SER D 66 -48.26 -12.27 -28.73
C SER D 66 -47.64 -13.24 -29.74
N GLY D 67 -47.45 -14.50 -29.30
CA GLY D 67 -46.94 -15.55 -30.17
C GLY D 67 -45.47 -15.39 -30.56
N THR D 68 -45.24 -14.87 -31.76
CA THR D 68 -43.88 -14.66 -32.26
C THR D 68 -43.57 -13.20 -32.57
N GLU D 69 -44.58 -12.34 -32.45
CA GLU D 69 -44.47 -10.93 -32.82
C GLU D 69 -44.80 -9.99 -31.67
N PHE D 70 -43.86 -9.11 -31.30
CA PHE D 70 -44.03 -8.14 -30.22
C PHE D 70 -43.53 -6.76 -30.63
N THR D 71 -44.00 -5.72 -29.93
CA THR D 71 -43.69 -4.33 -30.30
C THR D 71 -43.52 -3.37 -29.11
N LEU D 72 -42.63 -2.39 -29.28
CA LEU D 72 -42.39 -1.34 -28.28
C LEU D 72 -42.84 0.01 -28.84
N THR D 73 -43.39 0.87 -27.98
CA THR D 73 -44.09 2.08 -28.42
C THR D 73 -43.80 3.35 -27.61
N ILE D 74 -43.42 4.42 -28.31
CA ILE D 74 -43.39 5.77 -27.73
C ILE D 74 -44.49 6.59 -28.39
N SER D 75 -45.24 7.36 -27.60
CA SER D 75 -46.33 8.15 -28.15
C SER D 75 -45.83 9.46 -28.77
N SER D 76 -44.98 10.17 -28.05
CA SER D 76 -44.41 11.44 -28.51
C SER D 76 -42.97 11.60 -28.01
N LEU D 77 -42.02 11.32 -28.89
CA LEU D 77 -40.58 11.29 -28.58
C LEU D 77 -40.10 12.58 -27.89
N GLN D 78 -39.23 12.43 -26.89
CA GLN D 78 -38.68 13.57 -26.12
C GLN D 78 -37.15 13.51 -26.07
N PRO D 79 -36.49 14.65 -25.81
CA PRO D 79 -35.01 14.69 -25.85
C PRO D 79 -34.31 13.58 -25.05
N ASP D 80 -34.84 13.24 -23.89
CA ASP D 80 -34.23 12.24 -23.01
C ASP D 80 -34.35 10.79 -23.55
N ASP D 81 -35.09 10.61 -24.64
CA ASP D 81 -35.41 9.26 -25.11
C ASP D 81 -34.44 8.65 -26.15
N PHE D 82 -33.52 9.46 -26.67
CA PHE D 82 -32.55 8.98 -27.67
C PHE D 82 -31.52 8.03 -27.05
N ALA D 83 -31.50 6.79 -27.53
CA ALA D 83 -30.63 5.73 -26.99
C ALA D 83 -30.80 4.44 -27.78
N THR D 84 -30.36 3.32 -27.19
CA THR D 84 -30.49 1.98 -27.77
C THR D 84 -31.48 1.15 -26.96
N TYR D 85 -32.17 0.22 -27.63
CA TYR D 85 -33.22 -0.59 -27.01
C TYR D 85 -33.08 -2.06 -27.40
N TYR D 86 -33.44 -2.95 -26.48
CA TYR D 86 -33.28 -4.40 -26.65
C TYR D 86 -34.52 -5.16 -26.16
N CYS D 87 -34.90 -6.24 -26.86
CA CYS D 87 -35.94 -7.16 -26.35
C CYS D 87 -35.31 -8.36 -25.61
N HIS D 88 -36.10 -9.05 -24.77
CA HIS D 88 -35.60 -10.12 -23.89
C HIS D 88 -36.68 -11.16 -23.57
N GLN D 89 -36.30 -12.44 -23.55
CA GLN D 89 -37.24 -13.54 -23.26
C GLN D 89 -36.81 -14.49 -22.14
N ARG D 90 -37.76 -14.99 -21.36
CA ARG D 90 -37.50 -15.98 -20.30
C ARG D 90 -38.49 -17.16 -20.36
N SER D 91 -38.52 -17.82 -21.50
CA SER D 91 -39.39 -18.98 -21.70
C SER D 91 -38.68 -20.27 -21.30
N THR D 92 -37.48 -20.46 -21.83
CA THR D 92 -36.65 -21.61 -21.48
C THR D 92 -35.20 -21.20 -21.39
N TYR D 93 -34.32 -22.19 -21.21
CA TYR D 93 -32.88 -21.96 -21.21
C TYR D 93 -32.27 -22.31 -22.56
N PRO D 94 -31.27 -21.52 -23.01
CA PRO D 94 -30.70 -20.36 -22.31
C PRO D 94 -31.50 -19.08 -22.53
N LEU D 95 -31.29 -18.08 -21.67
CA LEU D 95 -31.87 -16.75 -21.87
C LEU D 95 -31.18 -16.06 -23.03
N THR D 96 -31.95 -15.24 -23.77
CA THR D 96 -31.44 -14.56 -24.96
C THR D 96 -31.93 -13.12 -25.04
N PHE D 97 -31.15 -12.31 -25.75
CA PHE D 97 -31.46 -10.89 -25.99
C PHE D 97 -31.56 -10.57 -27.48
N GLY D 98 -31.91 -9.34 -27.80
CA GLY D 98 -31.97 -8.89 -29.19
C GLY D 98 -30.69 -8.26 -29.69
N GLN D 99 -30.63 -8.02 -31.00
CA GLN D 99 -29.50 -7.37 -31.65
C GLN D 99 -29.38 -5.90 -31.24
N GLY D 100 -30.51 -5.26 -30.98
CA GLY D 100 -30.52 -3.87 -30.51
C GLY D 100 -30.94 -2.88 -31.57
N THR D 101 -31.49 -1.76 -31.12
CA THR D 101 -32.02 -0.73 -31.99
C THR D 101 -31.64 0.65 -31.48
N LYS D 102 -30.72 1.30 -32.19
CA LYS D 102 -30.27 2.65 -31.85
C LYS D 102 -31.23 3.67 -32.44
N VAL D 103 -31.50 4.73 -31.67
CA VAL D 103 -32.40 5.79 -32.10
C VAL D 103 -31.69 7.14 -32.03
N GLU D 104 -31.34 7.66 -33.21
CA GLU D 104 -30.67 8.95 -33.35
C GLU D 104 -31.66 10.05 -33.70
N VAL D 105 -31.20 11.31 -33.64
CA VAL D 105 -32.03 12.47 -33.97
C VAL D 105 -31.72 12.97 -35.37
N LYS D 106 -32.76 13.25 -36.16
CA LYS D 106 -32.57 13.77 -37.51
C LYS D 106 -32.69 15.29 -37.63
N ARG D 107 -31.79 15.87 -38.42
CA ARG D 107 -31.74 17.31 -38.70
C ARG D 107 -31.73 17.55 -40.23
N THR D 108 -31.67 18.82 -40.64
CA THR D 108 -31.57 19.17 -42.06
C THR D 108 -30.24 18.71 -42.66
N VAL D 109 -30.20 18.55 -43.97
CA VAL D 109 -28.99 18.11 -44.66
C VAL D 109 -27.91 19.18 -44.59
N ALA D 110 -26.71 18.77 -44.19
CA ALA D 110 -25.55 19.65 -44.16
C ALA D 110 -24.36 18.96 -44.80
N ALA D 111 -23.85 19.58 -45.87
CA ALA D 111 -22.68 19.08 -46.57
C ALA D 111 -21.44 19.35 -45.72
N PRO D 112 -20.43 18.47 -45.79
CA PRO D 112 -19.23 18.66 -44.98
C PRO D 112 -18.25 19.68 -45.57
N SER D 113 -17.36 20.21 -44.73
CA SER D 113 -16.20 20.95 -45.18
C SER D 113 -15.03 19.97 -45.29
N VAL D 114 -14.30 20.03 -46.40
CA VAL D 114 -13.22 19.08 -46.67
C VAL D 114 -11.83 19.73 -46.56
N PHE D 115 -10.88 18.99 -46.00
CA PHE D 115 -9.48 19.42 -45.85
C PHE D 115 -8.50 18.30 -46.15
N ILE D 116 -7.24 18.65 -46.41
CA ILE D 116 -6.18 17.69 -46.69
C ILE D 116 -4.92 18.00 -45.87
N PHE D 117 -4.12 16.98 -45.57
CA PHE D 117 -2.85 17.18 -44.84
C PHE D 117 -1.70 16.33 -45.40
N PRO D 118 -0.53 16.96 -45.60
CA PRO D 118 0.67 16.22 -45.99
C PRO D 118 1.43 15.71 -44.77
N PRO D 119 2.24 14.65 -44.93
CA PRO D 119 3.07 14.13 -43.85
C PRO D 119 4.17 15.11 -43.43
N SER D 120 4.38 15.26 -42.13
CA SER D 120 5.44 16.12 -41.60
C SER D 120 6.82 15.51 -41.84
N ASP D 121 7.84 16.37 -41.89
CA ASP D 121 9.22 15.93 -42.15
C ASP D 121 9.73 14.92 -41.12
N GLU D 122 9.37 15.12 -39.86
CA GLU D 122 9.78 14.25 -38.75
C GLU D 122 9.43 12.78 -39.02
N GLN D 123 8.15 12.52 -39.33
CA GLN D 123 7.70 11.17 -39.65
C GLN D 123 8.33 10.67 -40.94
N LEU D 124 8.38 11.54 -41.96
CA LEU D 124 8.97 11.21 -43.25
C LEU D 124 10.29 10.47 -43.07
N LYS D 125 11.23 11.09 -42.35
CA LYS D 125 12.55 10.51 -42.12
C LYS D 125 12.59 9.54 -40.93
N SER D 126 11.56 8.70 -40.82
CA SER D 126 11.55 7.62 -39.82
C SER D 126 11.16 6.28 -40.45
N GLY D 127 10.69 6.32 -41.69
CA GLY D 127 10.35 5.10 -42.43
C GLY D 127 8.94 5.04 -42.99
N THR D 128 8.02 5.75 -42.34
CA THR D 128 6.62 5.77 -42.76
C THR D 128 6.10 7.17 -43.06
N ALA D 129 5.07 7.24 -43.91
CA ALA D 129 4.40 8.49 -44.23
C ALA D 129 2.89 8.26 -44.21
N SER D 130 2.16 9.16 -43.57
CA SER D 130 0.69 9.08 -43.53
C SER D 130 0.02 10.40 -43.93
N VAL D 131 -0.92 10.30 -44.86
CA VAL D 131 -1.67 11.47 -45.36
C VAL D 131 -3.13 11.44 -44.88
N VAL D 132 -3.60 12.57 -44.34
CA VAL D 132 -4.91 12.67 -43.67
C VAL D 132 -5.92 13.56 -44.42
N CYS D 133 -7.19 13.13 -44.42
CA CYS D 133 -8.28 13.86 -45.06
C CYS D 133 -9.45 14.01 -44.11
N LEU D 134 -9.84 15.26 -43.80
CA LEU D 134 -10.90 15.55 -42.84
C LEU D 134 -12.27 15.87 -43.46
N LEU D 135 -13.34 15.41 -42.82
CA LEU D 135 -14.70 15.81 -43.19
C LEU D 135 -15.37 16.44 -41.96
N ASN D 136 -15.73 17.72 -42.07
CA ASN D 136 -16.11 18.54 -40.91
C ASN D 136 -17.59 18.94 -40.84
N ASN D 137 -18.24 18.62 -39.72
CA ASN D 137 -19.64 19.00 -39.43
C ASN D 137 -20.67 18.61 -40.50
N PHE D 138 -21.05 17.32 -40.58
CA PHE D 138 -22.00 16.90 -41.62
C PHE D 138 -23.14 16.00 -41.16
N TYR D 139 -24.23 16.04 -41.94
CA TYR D 139 -25.38 15.17 -41.76
C TYR D 139 -26.06 14.95 -43.13
N PRO D 140 -26.50 13.69 -43.43
CA PRO D 140 -26.45 12.46 -42.63
C PRO D 140 -25.09 11.77 -42.64
N ARG D 141 -25.03 10.62 -41.97
CA ARG D 141 -23.77 9.92 -41.66
C ARG D 141 -23.08 9.23 -42.85
N GLU D 142 -23.86 8.77 -43.83
CA GLU D 142 -23.31 8.02 -44.96
C GLU D 142 -22.46 8.90 -45.89
N ALA D 143 -21.19 8.52 -46.03
CA ALA D 143 -20.24 9.27 -46.86
C ALA D 143 -19.23 8.36 -47.59
N LYS D 144 -18.73 8.84 -48.73
CA LYS D 144 -17.76 8.13 -49.56
C LYS D 144 -16.43 8.87 -49.66
N VAL D 145 -15.33 8.17 -49.35
CA VAL D 145 -14.00 8.76 -49.40
C VAL D 145 -13.04 7.83 -50.15
N GLN D 146 -12.52 8.30 -51.28
CA GLN D 146 -11.59 7.51 -52.09
C GLN D 146 -10.28 8.24 -52.41
N TRP D 147 -9.16 7.56 -52.20
CA TRP D 147 -7.83 8.11 -52.47
C TRP D 147 -7.35 7.77 -53.88
N LYS D 148 -6.70 8.74 -54.52
CA LYS D 148 -6.08 8.50 -55.83
C LYS D 148 -4.72 9.18 -55.98
N VAL D 149 -3.70 8.35 -56.22
CA VAL D 149 -2.31 8.78 -56.37
C VAL D 149 -1.95 8.78 -57.85
N ASP D 150 -1.67 9.96 -58.40
CA ASP D 150 -1.44 10.14 -59.84
C ASP D 150 -2.47 9.39 -60.70
N ASN D 151 -3.74 9.59 -60.36
CA ASN D 151 -4.87 8.90 -60.99
C ASN D 151 -4.88 7.37 -60.85
N ALA D 152 -4.52 6.88 -59.66
CA ALA D 152 -4.59 5.46 -59.36
C ALA D 152 -5.35 5.24 -58.05
N LEU D 153 -6.59 4.75 -58.17
CA LEU D 153 -7.44 4.48 -57.03
C LEU D 153 -6.84 3.41 -56.12
N GLN D 154 -6.65 3.76 -54.86
CA GLN D 154 -6.06 2.87 -53.86
C GLN D 154 -7.12 2.00 -53.18
N SER D 155 -6.77 0.75 -52.90
CA SER D 155 -7.65 -0.18 -52.18
C SER D 155 -6.90 -1.03 -51.17
N GLY D 156 -7.36 -0.99 -49.92
CA GLY D 156 -6.80 -1.79 -48.83
C GLY D 156 -5.55 -1.22 -48.20
N ASN D 157 -5.52 0.10 -48.02
CA ASN D 157 -4.38 0.79 -47.39
C ASN D 157 -4.77 2.07 -46.65
N SER D 158 -6.02 2.14 -46.22
CA SER D 158 -6.56 3.30 -45.49
C SER D 158 -7.71 2.95 -44.52
N GLN D 159 -7.68 3.58 -43.35
CA GLN D 159 -8.71 3.40 -42.30
C GLN D 159 -9.59 4.65 -42.17
N GLU D 160 -10.61 4.58 -41.32
CA GLU D 160 -11.46 5.74 -41.01
C GLU D 160 -12.09 5.72 -39.61
N SER D 161 -12.45 6.90 -39.10
CA SER D 161 -13.09 7.06 -37.80
C SER D 161 -14.23 8.08 -37.81
N VAL D 162 -15.26 7.81 -36.99
CA VAL D 162 -16.39 8.73 -36.84
C VAL D 162 -16.64 9.09 -35.37
N THR D 163 -16.80 10.38 -35.09
CA THR D 163 -17.22 10.83 -33.76
C THR D 163 -18.70 10.49 -33.52
N GLU D 164 -19.14 10.60 -32.27
CA GLU D 164 -20.54 10.39 -31.94
C GLU D 164 -21.37 11.63 -32.29
N GLN D 165 -22.69 11.46 -32.45
CA GLN D 165 -23.56 12.57 -32.79
C GLN D 165 -23.45 13.68 -31.76
N ASP D 166 -23.07 14.88 -32.22
CA ASP D 166 -22.91 16.06 -31.35
C ASP D 166 -24.18 16.33 -30.55
N SER D 167 -24.01 16.72 -29.29
CA SER D 167 -25.14 17.02 -28.42
C SER D 167 -25.79 18.38 -28.70
N LYS D 168 -25.02 19.30 -29.27
CA LYS D 168 -25.49 20.67 -29.52
C LYS D 168 -26.11 20.86 -30.91
N ASP D 169 -25.35 20.54 -31.95
CA ASP D 169 -25.77 20.81 -33.34
C ASP D 169 -26.18 19.57 -34.15
N SER D 170 -25.98 18.38 -33.59
CA SER D 170 -26.43 17.11 -34.17
C SER D 170 -25.70 16.64 -35.42
N THR D 171 -24.44 17.00 -35.56
CA THR D 171 -23.66 16.64 -36.74
C THR D 171 -22.69 15.50 -36.46
N TYR D 172 -21.99 15.05 -37.50
CA TYR D 172 -20.91 14.05 -37.39
C TYR D 172 -19.63 14.60 -38.02
N SER D 173 -18.50 14.01 -37.65
CA SER D 173 -17.20 14.34 -38.27
C SER D 173 -16.44 13.06 -38.60
N LEU D 174 -15.67 13.08 -39.69
CA LEU D 174 -14.99 11.90 -40.22
C LEU D 174 -13.51 12.17 -40.47
N SER D 175 -12.67 11.16 -40.23
CA SER D 175 -11.23 11.22 -40.51
C SER D 175 -10.82 10.00 -41.32
N SER D 176 -9.89 10.19 -42.26
CA SER D 176 -9.41 9.12 -43.14
C SER D 176 -7.90 9.19 -43.32
N THR D 177 -7.21 8.09 -43.03
CA THR D 177 -5.74 8.06 -43.01
C THR D 177 -5.15 7.00 -43.94
N LEU D 178 -4.37 7.46 -44.92
CA LEU D 178 -3.70 6.58 -45.87
C LEU D 178 -2.25 6.35 -45.42
N THR D 179 -1.86 5.08 -45.29
CA THR D 179 -0.54 4.71 -44.79
C THR D 179 0.40 4.17 -45.88
N LEU D 180 1.62 4.70 -45.93
CA LEU D 180 2.62 4.32 -46.94
C LEU D 180 4.03 4.26 -46.34
N SER D 181 4.97 3.71 -47.11
CA SER D 181 6.40 3.74 -46.75
C SER D 181 7.10 4.97 -47.34
N LYS D 182 8.19 5.39 -46.71
CA LYS D 182 9.00 6.54 -47.17
C LYS D 182 9.42 6.39 -48.64
N ALA D 183 9.64 5.15 -49.07
CA ALA D 183 10.04 4.84 -50.43
C ALA D 183 8.92 5.10 -51.44
N ASP D 184 7.77 4.47 -51.21
CA ASP D 184 6.63 4.54 -52.13
C ASP D 184 6.03 5.94 -52.27
N TYR D 185 6.02 6.67 -51.16
CA TYR D 185 5.49 8.04 -51.13
C TYR D 185 6.33 8.99 -51.98
N GLU D 186 7.65 8.79 -51.96
CA GLU D 186 8.57 9.63 -52.72
C GLU D 186 8.74 9.15 -54.17
N LYS D 187 7.87 8.24 -54.58
CA LYS D 187 7.84 7.76 -55.95
C LYS D 187 6.95 8.64 -56.81
N HIS D 188 5.79 9.02 -56.27
CA HIS D 188 4.77 9.76 -57.04
C HIS D 188 4.64 11.24 -56.66
N LYS D 189 3.76 11.95 -57.37
CA LYS D 189 3.72 13.42 -57.29
C LYS D 189 2.43 14.01 -56.71
N VAL D 190 1.28 13.67 -57.31
CA VAL D 190 -0.01 14.29 -56.92
C VAL D 190 -0.86 13.35 -56.06
N TYR D 191 -1.26 13.85 -54.88
CA TYR D 191 -2.11 13.11 -53.97
C TYR D 191 -3.47 13.80 -53.78
N ALA D 192 -4.55 13.04 -53.93
CA ALA D 192 -5.91 13.60 -53.93
C ALA D 192 -6.92 12.84 -53.06
N CYS D 193 -7.96 13.56 -52.65
CA CYS D 193 -9.01 13.03 -51.79
C CYS D 193 -10.38 13.38 -52.38
N GLU D 194 -11.16 12.37 -52.77
CA GLU D 194 -12.48 12.58 -53.38
C GLU D 194 -13.64 12.25 -52.45
N VAL D 195 -14.45 13.25 -52.14
CA VAL D 195 -15.55 13.11 -51.17
C VAL D 195 -16.93 13.13 -51.86
N THR D 196 -17.76 12.14 -51.52
CA THR D 196 -19.12 12.03 -52.04
C THR D 196 -20.12 11.97 -50.88
N HIS D 197 -21.13 12.84 -50.95
CA HIS D 197 -22.12 12.98 -49.88
C HIS D 197 -23.40 13.58 -50.46
N GLN D 198 -24.50 13.41 -49.75
CA GLN D 198 -25.83 13.83 -50.21
C GLN D 198 -25.99 15.34 -50.40
N GLY D 199 -25.29 16.13 -49.58
CA GLY D 199 -25.37 17.59 -49.63
C GLY D 199 -24.54 18.25 -50.71
N LEU D 200 -23.74 17.45 -51.41
CA LEU D 200 -22.92 17.95 -52.52
C LEU D 200 -23.53 17.58 -53.87
N SER D 201 -23.62 18.56 -54.76
CA SER D 201 -24.11 18.33 -56.14
C SER D 201 -23.10 17.48 -56.91
N SER D 202 -21.82 17.76 -56.69
CA SER D 202 -20.72 17.08 -57.37
C SER D 202 -19.62 16.75 -56.36
N PRO D 203 -18.88 15.64 -56.58
CA PRO D 203 -17.77 15.29 -55.69
C PRO D 203 -16.75 16.41 -55.52
N VAL D 204 -16.56 16.87 -54.29
CA VAL D 204 -15.49 17.81 -53.96
C VAL D 204 -14.14 17.08 -53.94
N THR D 205 -13.09 17.77 -54.37
CA THR D 205 -11.75 17.19 -54.36
C THR D 205 -10.67 18.18 -53.89
N LYS D 206 -9.98 17.80 -52.82
CA LYS D 206 -8.79 18.53 -52.38
C LYS D 206 -7.56 17.68 -52.66
N SER D 207 -6.43 18.35 -52.86
CA SER D 207 -5.17 17.71 -53.23
C SER D 207 -3.98 18.64 -53.03
N PHE D 208 -2.78 18.13 -53.33
CA PHE D 208 -1.54 18.89 -53.19
C PHE D 208 -0.41 18.20 -53.96
N ASN D 209 0.62 18.98 -54.32
CA ASN D 209 1.80 18.44 -54.99
C ASN D 209 2.96 18.29 -54.01
N ARG D 210 3.63 17.13 -54.07
CA ARG D 210 4.72 16.81 -53.15
C ARG D 210 5.90 17.76 -53.35
N GLY D 211 6.18 18.54 -52.31
CA GLY D 211 7.20 19.59 -52.38
C GLY D 211 6.63 20.91 -52.86
N GLU D 212 5.31 21.07 -52.71
CA GLU D 212 4.56 22.28 -53.11
C GLU D 212 4.77 22.67 -54.58
N GLU E 1 -42.15 -16.20 -17.79
CA GLU E 1 -42.73 -17.58 -17.66
C GLU E 1 -41.91 -18.51 -16.74
N LEU E 2 -40.61 -18.26 -16.64
CA LEU E 2 -39.72 -19.11 -15.83
C LEU E 2 -39.60 -18.59 -14.39
N CYS E 3 -39.78 -19.48 -13.41
CA CYS E 3 -39.72 -19.14 -11.99
C CYS E 3 -38.26 -19.11 -11.52
N ASP E 4 -37.81 -17.97 -11.01
CA ASP E 4 -36.40 -17.77 -10.64
C ASP E 4 -36.15 -17.87 -9.14
N ASP E 5 -36.90 -18.73 -8.48
CA ASP E 5 -36.81 -18.92 -7.03
C ASP E 5 -37.24 -20.34 -6.67
N ASP E 6 -36.91 -20.76 -5.45
CA ASP E 6 -37.30 -22.08 -4.95
C ASP E 6 -38.40 -21.97 -3.89
N PRO E 7 -39.25 -23.01 -3.77
CA PRO E 7 -40.25 -23.06 -2.70
C PRO E 7 -39.60 -23.08 -1.31
N PRO E 8 -40.22 -22.42 -0.32
CA PRO E 8 -39.61 -22.30 1.01
C PRO E 8 -39.57 -23.63 1.76
N GLU E 9 -38.69 -23.69 2.77
CA GLU E 9 -38.61 -24.82 3.68
C GLU E 9 -39.46 -24.52 4.92
N ILE E 10 -40.47 -25.33 5.15
CA ILE E 10 -41.33 -25.16 6.32
C ILE E 10 -40.89 -26.09 7.46
N PRO E 11 -40.62 -25.51 8.65
CA PRO E 11 -40.18 -26.26 9.83
C PRO E 11 -40.91 -27.59 10.00
N HIS E 12 -40.14 -28.68 9.94
CA HIS E 12 -40.63 -30.05 10.14
C HIS E 12 -41.44 -30.61 8.97
N ALA E 13 -41.43 -29.92 7.83
CA ALA E 13 -42.24 -30.33 6.68
C ALA E 13 -41.42 -30.57 5.40
N THR E 14 -42.01 -31.31 4.47
CA THR E 14 -41.42 -31.55 3.15
C THR E 14 -42.43 -31.31 2.02
N PHE E 15 -41.96 -31.16 0.79
CA PHE E 15 -42.83 -30.87 -0.35
C PHE E 15 -42.63 -31.78 -1.57
N LYS E 16 -43.70 -31.96 -2.35
CA LYS E 16 -43.66 -32.70 -3.62
C LYS E 16 -44.58 -32.05 -4.65
N ALA E 17 -44.32 -32.29 -5.92
CA ALA E 17 -45.23 -31.91 -7.00
C ALA E 17 -45.98 -33.15 -7.46
N MET E 18 -47.23 -32.97 -7.85
CA MET E 18 -48.06 -34.12 -8.22
C MET E 18 -48.34 -34.23 -9.72
N ALA E 19 -48.27 -33.10 -10.41
CA ALA E 19 -48.33 -33.07 -11.87
C ALA E 19 -47.45 -31.92 -12.35
N TYR E 20 -46.77 -32.13 -13.48
CA TYR E 20 -45.78 -31.15 -13.94
C TYR E 20 -46.28 -30.28 -15.08
N LYS E 21 -46.21 -28.97 -14.87
CA LYS E 21 -46.72 -27.97 -15.81
C LYS E 21 -45.86 -27.92 -17.06
N GLU E 22 -46.50 -27.71 -18.23
CA GLU E 22 -45.78 -27.72 -19.50
C GLU E 22 -44.80 -26.56 -19.57
N GLY E 23 -43.54 -26.88 -19.88
CA GLY E 23 -42.48 -25.88 -19.89
C GLY E 23 -41.37 -26.17 -18.91
N THR E 24 -41.60 -27.10 -17.99
CA THR E 24 -40.60 -27.42 -16.97
C THR E 24 -39.44 -28.23 -17.55
N MET E 25 -38.25 -28.06 -16.96
CA MET E 25 -37.04 -28.72 -17.44
C MET E 25 -36.29 -29.45 -16.31
N LEU E 26 -35.70 -30.60 -16.65
CA LEU E 26 -34.85 -31.33 -15.73
C LEU E 26 -33.52 -31.73 -16.37
N ASN E 27 -32.42 -31.34 -15.73
CA ASN E 27 -31.07 -31.63 -16.22
C ASN E 27 -30.81 -33.14 -16.28
N CYS E 28 -30.04 -33.56 -17.29
CA CYS E 28 -29.68 -34.97 -17.44
C CYS E 28 -28.31 -35.26 -16.85
N GLU E 29 -28.31 -35.67 -15.58
CA GLU E 29 -27.08 -35.89 -14.83
C GLU E 29 -26.89 -37.36 -14.49
N CYS E 30 -25.64 -37.82 -14.52
CA CYS E 30 -25.31 -39.20 -14.22
C CYS E 30 -24.36 -39.29 -13.03
N LYS E 31 -23.90 -40.51 -12.72
CA LYS E 31 -22.96 -40.75 -11.62
C LYS E 31 -21.55 -40.95 -12.14
N ARG E 36 -19.78 -40.95 -16.33
CA ARG E 36 -20.93 -41.32 -17.16
C ARG E 36 -21.57 -40.06 -17.73
N ILE E 37 -21.80 -40.07 -19.04
CA ILE E 37 -22.27 -38.88 -19.78
C ILE E 37 -23.43 -39.20 -20.73
N LYS E 38 -23.27 -38.79 -21.99
CA LYS E 38 -24.19 -39.00 -23.13
C LYS E 38 -24.41 -37.72 -23.93
N SER E 39 -24.55 -37.86 -25.25
CA SER E 39 -24.67 -36.71 -26.15
C SER E 39 -26.05 -36.58 -26.80
N GLY E 40 -26.57 -35.35 -26.81
CA GLY E 40 -27.91 -35.05 -27.33
C GLY E 40 -28.70 -34.16 -26.38
N SER E 41 -28.76 -32.86 -26.70
CA SER E 41 -29.40 -31.81 -25.89
C SER E 41 -28.77 -31.65 -24.50
N LEU E 42 -29.49 -30.99 -23.59
CA LEU E 42 -28.99 -30.74 -22.23
C LEU E 42 -30.04 -31.07 -21.16
N TYR E 43 -31.30 -30.80 -21.48
CA TYR E 43 -32.41 -30.98 -20.55
C TYR E 43 -33.45 -31.98 -21.05
N MET E 44 -34.37 -32.35 -20.17
CA MET E 44 -35.64 -32.96 -20.56
C MET E 44 -36.74 -31.90 -20.44
N LEU E 45 -37.52 -31.73 -21.51
CA LEU E 45 -38.54 -30.68 -21.59
C LEU E 45 -39.95 -31.29 -21.60
N CYS E 46 -40.88 -30.64 -20.91
CA CYS E 46 -42.29 -31.07 -20.94
C CYS E 46 -43.04 -30.32 -22.04
N THR E 47 -43.25 -30.99 -23.17
CA THR E 47 -43.95 -30.42 -24.31
C THR E 47 -45.40 -30.93 -24.34
N GLY E 48 -46.29 -30.15 -24.95
CA GLY E 48 -47.70 -30.53 -25.03
C GLY E 48 -48.38 -30.09 -26.33
N ASN E 49 -49.05 -31.04 -26.98
CA ASN E 49 -49.80 -30.78 -28.20
C ASN E 49 -51.12 -30.08 -27.86
N SER E 50 -52.22 -30.79 -28.10
CA SER E 50 -53.56 -30.30 -27.81
C SER E 50 -54.22 -31.17 -26.75
N SER E 51 -54.48 -32.43 -27.11
CA SER E 51 -55.15 -33.37 -26.22
C SER E 51 -54.18 -34.16 -25.34
N HIS E 52 -52.96 -34.34 -25.82
CA HIS E 52 -51.96 -35.17 -25.14
C HIS E 52 -50.70 -34.39 -24.79
N SER E 53 -49.91 -34.95 -23.87
CA SER E 53 -48.73 -34.28 -23.31
C SER E 53 -47.65 -35.30 -22.91
N SER E 54 -46.39 -34.99 -23.19
CA SER E 54 -45.28 -35.92 -22.92
C SER E 54 -43.91 -35.23 -22.80
N TRP E 55 -42.95 -35.91 -22.18
CA TRP E 55 -41.57 -35.42 -22.07
C TRP E 55 -40.85 -35.52 -23.40
N ASP E 56 -40.03 -34.51 -23.70
CA ASP E 56 -39.34 -34.40 -24.98
C ASP E 56 -38.23 -35.46 -25.11
N ASN E 57 -37.11 -35.22 -24.44
CA ASN E 57 -36.00 -36.16 -24.44
C ASN E 57 -36.16 -37.22 -23.37
N GLN E 58 -35.38 -38.29 -23.51
CA GLN E 58 -35.22 -39.28 -22.46
C GLN E 58 -33.73 -39.62 -22.38
N CYS E 59 -33.12 -39.24 -21.26
CA CYS E 59 -31.68 -39.27 -21.13
C CYS E 59 -31.14 -40.58 -20.57
N GLN E 60 -29.97 -40.97 -21.06
CA GLN E 60 -29.28 -42.18 -20.65
C GLN E 60 -27.83 -41.89 -20.26
N CYS E 61 -27.11 -42.92 -19.82
CA CYS E 61 -25.69 -42.80 -19.46
C CYS E 61 -24.90 -44.00 -19.98
N THR E 62 -23.63 -43.78 -20.31
CA THR E 62 -22.78 -44.86 -20.83
C THR E 62 -21.50 -45.01 -20.00
N SER E 63 -20.35 -45.09 -20.68
CA SER E 63 -19.06 -45.26 -20.02
C SER E 63 -18.46 -43.92 -19.59
N SER E 64 -17.17 -43.93 -19.26
CA SER E 64 -16.45 -42.72 -18.87
C SER E 64 -16.05 -41.89 -20.08
N PRO E 101 -54.31 -33.72 -19.62
CA PRO E 101 -54.89 -32.83 -18.63
C PRO E 101 -54.23 -31.44 -18.60
N GLY E 102 -53.33 -31.20 -19.55
CA GLY E 102 -52.53 -29.97 -19.58
C GLY E 102 -51.17 -30.15 -18.92
N HIS E 103 -50.97 -31.35 -18.36
CA HIS E 103 -49.75 -31.67 -17.62
C HIS E 103 -49.13 -32.99 -18.09
N CYS E 104 -47.86 -33.18 -17.73
CA CYS E 104 -47.17 -34.45 -17.95
C CYS E 104 -46.83 -35.07 -16.59
N ARG E 105 -46.70 -36.40 -16.55
CA ARG E 105 -46.43 -37.12 -15.31
C ARG E 105 -44.96 -37.05 -14.91
N GLU E 106 -44.62 -37.66 -13.77
CA GLU E 106 -43.24 -37.71 -13.32
C GLU E 106 -42.44 -38.61 -14.25
N PRO E 107 -41.24 -38.16 -14.70
CA PRO E 107 -40.39 -39.01 -15.53
C PRO E 107 -39.90 -40.21 -14.74
N PRO E 108 -39.96 -41.42 -15.36
CA PRO E 108 -39.49 -42.66 -14.74
C PRO E 108 -37.99 -42.61 -14.53
N PRO E 109 -37.46 -43.45 -13.63
CA PRO E 109 -36.00 -43.44 -13.43
C PRO E 109 -35.23 -44.09 -14.58
N TRP E 110 -33.97 -43.68 -14.75
CA TRP E 110 -33.08 -44.28 -15.75
C TRP E 110 -31.85 -44.93 -15.09
N GLU E 111 -31.18 -45.80 -15.85
CA GLU E 111 -29.97 -46.49 -15.40
C GLU E 111 -28.83 -45.52 -15.10
N ASN E 112 -28.09 -45.79 -14.03
CA ASN E 112 -26.95 -44.97 -13.58
C ASN E 112 -27.30 -43.50 -13.32
N GLU E 113 -28.57 -43.24 -12.98
CA GLU E 113 -29.07 -41.90 -12.68
C GLU E 113 -28.37 -41.30 -11.46
N ALA E 114 -28.11 -39.98 -11.52
CA ALA E 114 -27.58 -39.24 -10.39
C ALA E 114 -28.62 -39.17 -9.26
N THR E 115 -28.15 -39.35 -8.02
CA THR E 115 -29.02 -39.30 -6.85
C THR E 115 -29.35 -37.86 -6.48
N GLU E 116 -30.26 -37.28 -7.25
CA GLU E 116 -30.59 -35.86 -7.18
C GLU E 116 -31.70 -35.56 -8.18
N ARG E 117 -32.57 -34.62 -7.83
CA ARG E 117 -33.53 -34.05 -8.77
C ARG E 117 -33.92 -32.64 -8.33
N ILE E 118 -33.41 -31.64 -9.06
CA ILE E 118 -33.82 -30.25 -8.86
C ILE E 118 -34.50 -29.77 -10.14
N TYR E 119 -35.77 -29.41 -10.01
CA TYR E 119 -36.58 -29.00 -11.15
C TYR E 119 -36.52 -27.50 -11.39
N HIS E 120 -36.54 -27.11 -12.66
CA HIS E 120 -36.75 -25.73 -13.04
C HIS E 120 -38.25 -25.56 -13.36
N PHE E 121 -38.97 -24.92 -12.45
CA PHE E 121 -40.42 -24.78 -12.56
C PHE E 121 -40.84 -23.53 -13.33
N VAL E 122 -42.02 -23.58 -13.95
CA VAL E 122 -42.59 -22.41 -14.63
C VAL E 122 -43.41 -21.56 -13.66
N VAL E 123 -44.32 -20.74 -14.19
CA VAL E 123 -45.04 -19.78 -13.35
C VAL E 123 -46.09 -20.44 -12.45
N GLY E 124 -47.29 -20.73 -12.95
CA GLY E 124 -48.39 -21.20 -12.11
C GLY E 124 -48.27 -22.56 -11.45
N GLN E 125 -47.05 -23.10 -11.35
CA GLN E 125 -46.80 -24.39 -10.71
C GLN E 125 -47.23 -24.45 -9.23
N MET E 126 -47.70 -25.62 -8.79
CA MET E 126 -48.09 -25.83 -7.39
C MET E 126 -47.34 -26.99 -6.75
N VAL E 127 -46.98 -26.83 -5.48
CA VAL E 127 -46.37 -27.93 -4.71
C VAL E 127 -47.07 -28.19 -3.37
N TYR E 128 -47.12 -29.46 -2.97
CA TYR E 128 -47.87 -29.86 -1.77
C TYR E 128 -46.99 -30.29 -0.60
N TYR E 129 -47.32 -29.78 0.58
CA TYR E 129 -46.55 -30.00 1.81
C TYR E 129 -47.17 -31.05 2.74
N GLN E 130 -46.31 -31.74 3.48
CA GLN E 130 -46.72 -32.64 4.58
C GLN E 130 -45.62 -32.78 5.65
N CYS E 131 -46.02 -33.09 6.89
CA CYS E 131 -45.06 -33.31 7.97
C CYS E 131 -44.68 -34.80 8.04
N VAL E 132 -43.39 -35.08 8.05
CA VAL E 132 -42.90 -36.45 8.25
C VAL E 132 -42.82 -36.71 9.75
N GLN E 133 -43.39 -37.83 10.19
CA GLN E 133 -43.46 -38.20 11.61
C GLN E 133 -44.17 -37.13 12.47
N GLY E 134 -43.83 -37.07 13.75
CA GLY E 134 -44.45 -36.14 14.68
C GLY E 134 -45.95 -36.15 14.56
N TYR E 135 -46.54 -34.96 14.55
CA TYR E 135 -47.99 -34.82 14.34
C TYR E 135 -48.25 -33.90 13.16
N ARG E 136 -49.52 -33.76 12.77
CA ARG E 136 -49.89 -32.85 11.70
C ARG E 136 -50.14 -31.45 12.24
N ALA E 137 -50.80 -30.61 11.45
CA ALA E 137 -51.06 -29.24 11.85
C ALA E 137 -52.20 -29.15 12.85
N LEU E 138 -52.04 -28.28 13.84
CA LEU E 138 -53.09 -27.97 14.80
C LEU E 138 -54.34 -27.58 14.02
N HIS E 139 -54.16 -26.72 13.04
CA HIS E 139 -55.20 -26.43 12.07
C HIS E 139 -54.76 -27.11 10.77
N ARG E 140 -55.40 -28.24 10.44
CA ARG E 140 -55.05 -28.99 9.22
C ARG E 140 -55.48 -28.25 7.93
N GLY E 141 -54.69 -27.24 7.58
CA GLY E 141 -54.99 -26.35 6.47
C GLY E 141 -54.54 -26.88 5.11
N PRO E 142 -54.66 -26.04 4.07
CA PRO E 142 -54.46 -26.45 2.68
C PRO E 142 -53.05 -26.97 2.39
N ALA E 143 -52.05 -26.35 2.99
CA ALA E 143 -50.63 -26.74 2.86
C ALA E 143 -50.14 -26.79 1.41
N GLU E 144 -50.38 -25.70 0.67
CA GLU E 144 -50.00 -25.62 -0.74
C GLU E 144 -49.32 -24.31 -1.08
N SER E 145 -48.37 -24.37 -2.02
CA SER E 145 -47.59 -23.20 -2.43
C SER E 145 -47.56 -23.06 -3.96
N VAL E 146 -47.54 -21.80 -4.41
CA VAL E 146 -47.57 -21.46 -5.84
C VAL E 146 -46.53 -20.38 -6.15
N CYS E 147 -45.87 -20.49 -7.31
CA CYS E 147 -44.97 -19.43 -7.79
C CYS E 147 -45.79 -18.40 -8.58
N LYS E 148 -45.98 -17.23 -7.99
CA LYS E 148 -46.73 -16.15 -8.62
C LYS E 148 -45.82 -14.98 -9.00
N MET E 149 -46.27 -14.16 -9.95
CA MET E 149 -45.54 -12.98 -10.41
C MET E 149 -46.40 -11.72 -10.33
N THR E 150 -45.83 -10.63 -9.79
CA THR E 150 -46.56 -9.36 -9.68
C THR E 150 -45.82 -8.20 -10.37
N HIS E 151 -44.99 -7.47 -9.63
CA HIS E 151 -44.27 -6.32 -10.19
C HIS E 151 -42.96 -6.75 -10.86
N GLY E 152 -43.05 -7.77 -11.73
CA GLY E 152 -41.89 -8.33 -12.39
C GLY E 152 -41.06 -9.28 -11.53
N LYS E 153 -41.58 -9.64 -10.35
CA LYS E 153 -40.87 -10.55 -9.44
C LYS E 153 -41.56 -11.91 -9.31
N THR E 154 -40.76 -12.98 -9.37
CA THR E 154 -41.30 -14.33 -9.18
C THR E 154 -40.96 -14.86 -7.79
N ARG E 155 -42.02 -15.14 -7.01
CA ARG E 155 -41.89 -15.50 -5.60
C ARG E 155 -42.95 -16.53 -5.23
N TRP E 156 -42.57 -17.49 -4.38
CA TRP E 156 -43.49 -18.55 -3.97
C TRP E 156 -44.39 -18.11 -2.81
N THR E 157 -45.59 -18.70 -2.74
CA THR E 157 -46.59 -18.39 -1.72
C THR E 157 -46.29 -19.10 -0.37
N GLN E 158 -46.52 -18.39 0.74
CA GLN E 158 -46.38 -18.99 2.07
C GLN E 158 -47.49 -20.02 2.34
N PRO E 159 -47.12 -21.32 2.40
CA PRO E 159 -48.02 -22.48 2.27
C PRO E 159 -49.25 -22.51 3.19
N GLN E 160 -49.09 -22.16 4.47
CA GLN E 160 -50.18 -22.19 5.47
C GLN E 160 -50.35 -23.59 6.08
N LEU E 161 -49.45 -23.89 7.03
CA LEU E 161 -49.37 -25.18 7.72
C LEU E 161 -48.43 -25.02 8.92
N ILE E 162 -48.84 -25.57 10.06
CA ILE E 162 -47.98 -25.54 11.26
C ILE E 162 -47.87 -26.93 11.88
N CYS E 163 -46.77 -27.62 11.61
CA CYS E 163 -46.55 -28.96 12.16
C CYS E 163 -46.17 -28.89 13.64
N THR E 164 -46.72 -29.81 14.44
CA THR E 164 -46.35 -29.95 15.85
C THR E 164 -46.31 -31.43 16.24
N GLU F 1 36.88 1.53 46.42
CA GLU F 1 36.71 1.51 47.90
C GLU F 1 35.34 2.04 48.34
N LEU F 2 34.34 1.16 48.33
CA LEU F 2 33.02 1.45 48.84
C LEU F 2 32.24 0.14 48.84
N CYS F 3 31.95 -0.39 50.03
CA CYS F 3 31.25 -1.67 50.14
C CYS F 3 29.81 -1.54 49.69
N ASP F 4 29.34 -2.58 49.00
CA ASP F 4 27.98 -2.62 48.50
C ASP F 4 27.07 -3.42 49.42
N ASP F 5 27.64 -4.44 50.06
CA ASP F 5 26.88 -5.30 50.95
C ASP F 5 26.71 -4.68 52.34
N ASP F 6 25.59 -5.01 52.99
CA ASP F 6 25.30 -4.61 54.37
C ASP F 6 25.92 -5.60 55.35
N PRO F 7 26.17 -5.17 56.61
CA PRO F 7 26.71 -6.09 57.62
C PRO F 7 25.75 -7.25 57.90
N PRO F 8 26.29 -8.46 58.16
CA PRO F 8 25.47 -9.64 58.44
C PRO F 8 24.69 -9.55 59.76
N GLU F 9 23.98 -10.63 60.10
CA GLU F 9 23.22 -10.70 61.35
C GLU F 9 23.44 -12.03 62.06
N ILE F 10 24.13 -11.99 63.20
CA ILE F 10 24.33 -13.18 64.04
C ILE F 10 23.13 -13.37 64.95
N PRO F 11 22.55 -14.59 64.96
CA PRO F 11 21.47 -14.91 65.89
C PRO F 11 21.89 -14.61 67.33
N HIS F 12 21.33 -13.54 67.89
CA HIS F 12 21.68 -13.05 69.23
C HIS F 12 23.06 -12.39 69.26
N ALA F 13 23.06 -11.05 69.15
CA ALA F 13 24.27 -10.21 69.17
C ALA F 13 23.97 -8.76 68.73
N THR F 14 24.94 -7.87 68.92
CA THR F 14 24.84 -6.48 68.45
C THR F 14 26.14 -6.00 67.79
N PHE F 15 26.00 -5.18 66.75
CA PHE F 15 27.16 -4.63 66.02
C PHE F 15 27.17 -3.11 65.99
N LYS F 16 28.36 -2.54 66.12
CA LYS F 16 28.56 -1.09 66.05
C LYS F 16 29.97 -0.78 65.58
N ALA F 17 30.19 0.48 65.21
CA ALA F 17 31.50 0.96 64.79
C ALA F 17 31.90 2.20 65.57
N MET F 18 33.20 2.39 65.76
CA MET F 18 33.71 3.62 66.37
C MET F 18 34.58 4.39 65.40
N ALA F 19 35.60 3.72 64.87
CA ALA F 19 36.50 4.32 63.90
C ALA F 19 35.88 4.33 62.50
N TYR F 20 35.61 5.53 61.99
CA TYR F 20 35.12 5.69 60.62
C TYR F 20 36.29 6.02 59.68
N LYS F 21 36.48 5.16 58.67
CA LYS F 21 37.56 5.35 57.69
C LYS F 21 37.26 6.55 56.79
N GLU F 22 38.31 7.17 56.26
CA GLU F 22 38.13 8.27 55.32
C GLU F 22 37.43 7.76 54.06
N GLY F 23 36.23 8.31 53.82
CA GLY F 23 35.36 7.84 52.75
C GLY F 23 33.91 7.77 53.20
N THR F 24 33.72 7.39 54.46
CA THR F 24 32.40 7.18 55.07
C THR F 24 31.42 8.34 54.83
N MET F 25 30.15 8.01 54.61
CA MET F 25 29.11 8.99 54.33
C MET F 25 27.89 8.80 55.22
N LEU F 26 27.24 9.92 55.55
CA LEU F 26 25.96 9.93 56.27
C LEU F 26 25.05 10.94 55.61
N ASN F 27 23.78 10.57 55.41
CA ASN F 27 22.79 11.51 54.92
C ASN F 27 21.89 12.02 56.04
N CYS F 28 21.70 13.34 56.08
CA CYS F 28 20.93 13.97 57.14
C CYS F 28 19.43 13.98 56.81
N GLU F 29 18.62 13.63 57.80
CA GLU F 29 17.19 13.35 57.56
C GLU F 29 16.19 14.18 58.38
N CYS F 30 16.45 14.34 59.66
CA CYS F 30 15.51 15.01 60.57
C CYS F 30 14.12 14.39 60.56
N ARG F 36 12.47 19.23 59.72
CA ARG F 36 12.72 18.35 58.57
C ARG F 36 13.65 19.04 57.56
N ILE F 37 14.24 18.24 56.67
CA ILE F 37 15.23 18.73 55.69
C ILE F 37 14.65 19.72 54.67
N LYS F 38 15.51 20.65 54.22
CA LYS F 38 15.13 21.66 53.21
C LYS F 38 16.36 22.41 52.66
N SER F 39 17.44 22.46 53.43
CA SER F 39 18.64 23.21 53.08
C SER F 39 19.32 22.74 51.79
N GLY F 40 20.25 23.55 51.27
CA GLY F 40 21.00 23.20 50.07
C GLY F 40 22.22 22.33 50.35
N SER F 41 21.98 21.14 50.91
CA SER F 41 23.05 20.20 51.27
C SER F 41 22.74 18.74 50.87
N LEU F 42 23.75 17.87 50.98
CA LEU F 42 23.67 16.50 50.46
C LEU F 42 24.03 15.37 51.45
N TYR F 43 25.31 15.23 51.74
CA TYR F 43 25.85 14.19 52.63
C TYR F 43 26.86 14.79 53.60
N MET F 44 27.13 14.08 54.70
CA MET F 44 28.31 14.39 55.53
C MET F 44 29.45 13.45 55.13
N LEU F 45 30.62 14.01 54.86
CA LEU F 45 31.74 13.26 54.29
C LEU F 45 33.01 13.37 55.12
N CYS F 46 33.51 12.23 55.59
CA CYS F 46 34.77 12.18 56.32
C CYS F 46 35.93 12.38 55.36
N THR F 47 36.75 13.39 55.64
CA THR F 47 37.90 13.73 54.82
C THR F 47 39.11 14.06 55.68
N GLY F 48 40.30 13.70 55.21
CA GLY F 48 41.53 14.00 55.92
C GLY F 48 42.79 13.43 55.31
N ASN F 49 43.92 13.76 55.93
CA ASN F 49 45.24 13.29 55.51
C ASN F 49 45.77 12.24 56.49
N SER F 50 47.00 12.44 56.96
CA SER F 50 47.57 11.62 58.03
C SER F 50 47.49 12.36 59.36
N SER F 51 47.55 13.70 59.31
CA SER F 51 47.44 14.56 60.48
C SER F 51 46.12 14.35 61.21
N HIS F 52 45.04 14.89 60.65
CA HIS F 52 43.70 14.76 61.23
C HIS F 52 42.66 14.52 60.14
N SER F 53 41.40 14.40 60.56
CA SER F 53 40.28 14.23 59.63
C SER F 53 39.00 14.88 60.18
N SER F 54 38.24 15.51 59.29
CA SER F 54 37.05 16.26 59.66
C SER F 54 35.80 15.75 58.95
N TRP F 55 34.67 16.39 59.24
CA TRP F 55 33.42 16.17 58.50
C TRP F 55 33.08 17.42 57.70
N ASP F 56 32.86 17.24 56.39
CA ASP F 56 32.83 18.36 55.45
C ASP F 56 31.56 19.22 55.44
N ASN F 57 30.40 18.58 55.44
CA ASN F 57 29.15 19.29 55.16
C ASN F 57 28.10 19.15 56.28
N GLN F 58 28.14 20.06 57.24
CA GLN F 58 27.18 20.05 58.36
C GLN F 58 25.74 20.32 57.89
N CYS F 59 24.78 19.83 58.67
CA CYS F 59 23.38 19.80 58.25
C CYS F 59 22.46 20.65 59.11
N GLN F 60 21.48 21.28 58.45
CA GLN F 60 20.44 22.07 59.12
C GLN F 60 19.05 21.68 58.64
N CYS F 61 18.05 21.91 59.48
CA CYS F 61 16.66 21.59 59.18
C CYS F 61 15.71 22.72 59.56
N THR F 62 14.59 22.80 58.83
CA THR F 62 13.55 23.80 59.09
C THR F 62 12.28 23.13 59.61
N SER F 63 11.16 23.85 59.56
CA SER F 63 9.87 23.34 60.02
C SER F 63 9.06 22.75 58.85
N SER F 64 7.76 22.58 59.08
CA SER F 64 6.82 22.04 58.09
C SER F 64 7.17 20.63 57.61
N GLY F 102 44.14 8.72 60.68
CA GLY F 102 43.62 7.48 60.15
C GLY F 102 42.10 7.47 60.02
N HIS F 103 41.43 7.65 61.15
CA HIS F 103 39.97 7.55 61.23
C HIS F 103 39.34 8.76 61.92
N CYS F 104 38.07 9.01 61.67
CA CYS F 104 37.35 10.14 62.26
C CYS F 104 36.23 9.67 63.19
N ARG F 105 36.07 10.38 64.31
CA ARG F 105 35.06 10.04 65.32
C ARG F 105 33.64 10.31 64.83
N GLU F 106 32.65 9.87 65.60
CA GLU F 106 31.25 10.13 65.27
C GLU F 106 30.89 11.60 65.52
N PRO F 107 30.26 12.25 64.53
CA PRO F 107 29.90 13.68 64.61
C PRO F 107 28.91 14.02 65.73
N PRO F 108 28.97 15.28 66.24
CA PRO F 108 28.03 15.73 67.27
C PRO F 108 26.60 15.83 66.75
N PRO F 109 25.64 15.35 67.56
CA PRO F 109 24.19 15.43 67.28
C PRO F 109 23.73 16.80 66.80
N TRP F 110 22.84 16.80 65.80
CA TRP F 110 22.28 18.04 65.27
C TRP F 110 20.93 18.41 65.91
N GLU F 111 19.97 18.80 65.08
CA GLU F 111 18.70 19.36 65.56
C GLU F 111 17.54 18.36 65.69
N ASN F 112 17.31 17.57 64.64
CA ASN F 112 16.17 16.63 64.65
C ASN F 112 16.52 15.23 64.12
N GLU F 113 17.33 14.49 64.86
CA GLU F 113 17.75 13.14 64.44
C GLU F 113 16.64 12.11 64.58
N ALA F 114 16.62 11.13 63.68
CA ALA F 114 15.67 10.03 63.76
C ALA F 114 16.21 8.92 64.65
N THR F 115 15.37 7.91 64.89
CA THR F 115 15.73 6.75 65.71
C THR F 115 16.98 6.02 65.19
N GLU F 116 17.09 5.91 63.87
CA GLU F 116 18.24 5.25 63.24
C GLU F 116 18.96 6.21 62.30
N ARG F 117 20.29 6.08 62.24
CA ARG F 117 21.10 6.86 61.29
C ARG F 117 21.91 5.89 60.43
N ILE F 118 21.77 6.00 59.11
CA ILE F 118 22.45 5.07 58.19
C ILE F 118 23.80 5.59 57.71
N TYR F 119 24.73 4.66 57.50
CA TYR F 119 26.08 4.98 57.07
C TYR F 119 26.43 4.25 55.78
N HIS F 120 27.30 4.85 54.99
CA HIS F 120 27.83 4.20 53.79
C HIS F 120 29.30 3.86 54.01
N PHE F 121 29.55 2.59 54.30
CA PHE F 121 30.91 2.13 54.64
C PHE F 121 31.79 1.92 53.42
N VAL F 122 33.09 1.82 53.66
CA VAL F 122 34.08 1.57 52.61
C VAL F 122 34.86 0.27 52.87
N VAL F 123 35.52 -0.24 51.83
CA VAL F 123 36.38 -1.42 51.98
C VAL F 123 37.43 -1.13 53.05
N GLY F 124 37.62 -2.10 53.96
CA GLY F 124 38.53 -1.94 55.09
C GLY F 124 37.80 -1.76 56.41
N GLN F 125 36.58 -1.22 56.33
CA GLN F 125 35.77 -0.92 57.50
C GLN F 125 35.49 -2.14 58.38
N MET F 126 35.49 -1.91 59.68
CA MET F 126 35.35 -2.98 60.67
C MET F 126 34.28 -2.63 61.72
N VAL F 127 33.32 -3.53 61.92
CA VAL F 127 32.32 -3.40 62.97
C VAL F 127 32.47 -4.52 64.02
N TYR F 128 32.03 -4.25 65.24
CA TYR F 128 32.22 -5.19 66.35
C TYR F 128 30.92 -5.83 66.85
N TYR F 129 30.93 -7.15 66.88
CA TYR F 129 29.76 -7.94 67.26
C TYR F 129 29.87 -8.45 68.69
N GLN F 133 22.48 -10.37 76.23
CA GLN F 133 21.39 -11.19 76.75
C GLN F 133 21.75 -12.67 76.70
N GLY F 134 23.04 -12.95 76.58
CA GLY F 134 23.56 -14.31 76.50
C GLY F 134 25.06 -14.32 76.32
N TYR F 135 25.72 -15.29 76.95
CA TYR F 135 27.18 -15.42 76.90
C TYR F 135 27.62 -16.24 75.69
N ARG F 136 28.88 -16.09 75.32
CA ARG F 136 29.47 -16.85 74.20
C ARG F 136 30.81 -17.47 74.57
N ALA F 137 31.02 -18.70 74.09
CA ALA F 137 32.25 -19.44 74.36
C ALA F 137 32.79 -20.10 73.10
N ALA F 143 35.48 -11.60 68.02
CA ALA F 143 34.43 -11.65 67.00
C ALA F 143 34.22 -10.26 66.36
N GLU F 144 34.70 -10.12 65.13
CA GLU F 144 34.62 -8.85 64.40
C GLU F 144 34.37 -9.06 62.91
N SER F 145 33.53 -8.21 62.33
CA SER F 145 33.17 -8.31 60.91
C SER F 145 33.91 -7.26 60.05
N VAL F 146 34.60 -7.74 59.02
CA VAL F 146 35.40 -6.90 58.13
C VAL F 146 34.90 -7.01 56.69
N CYS F 147 35.03 -5.92 55.93
CA CYS F 147 34.59 -5.86 54.54
C CYS F 147 35.77 -5.98 53.57
N LYS F 148 35.74 -7.04 52.75
CA LYS F 148 36.85 -7.36 51.84
C LYS F 148 36.44 -7.43 50.36
N MET F 149 37.41 -7.20 49.48
CA MET F 149 37.21 -7.22 48.02
C MET F 149 38.27 -8.05 47.29
N THR F 150 37.84 -9.10 46.59
CA THR F 150 38.77 -10.01 45.90
C THR F 150 38.67 -9.99 44.36
N HIS F 151 37.63 -10.61 43.82
CA HIS F 151 37.44 -10.68 42.37
C HIS F 151 36.41 -9.65 41.94
N GLY F 152 36.69 -8.38 42.24
CA GLY F 152 35.73 -7.30 41.98
C GLY F 152 34.46 -7.40 42.79
N LYS F 153 34.48 -8.25 43.81
CA LYS F 153 33.31 -8.55 44.61
C LYS F 153 33.56 -8.21 46.09
N THR F 154 32.66 -7.42 46.68
CA THR F 154 32.78 -6.99 48.08
C THR F 154 31.73 -7.65 48.98
N ARG F 155 32.19 -8.20 50.09
CA ARG F 155 31.30 -8.82 51.09
C ARG F 155 31.90 -8.78 52.50
N TRP F 156 31.03 -8.62 53.49
CA TRP F 156 31.42 -8.67 54.89
C TRP F 156 31.67 -10.11 55.30
N THR F 157 32.86 -10.37 55.84
CA THR F 157 33.23 -11.71 56.30
C THR F 157 32.34 -12.10 57.48
N GLN F 158 31.91 -13.35 57.51
CA GLN F 158 31.09 -13.88 58.58
C GLN F 158 31.87 -13.93 59.89
N PRO F 159 31.50 -13.07 60.86
CA PRO F 159 32.23 -13.05 62.12
C PRO F 159 31.96 -14.32 62.92
N GLN F 160 32.93 -15.24 62.88
CA GLN F 160 32.85 -16.49 63.61
C GLN F 160 32.75 -16.17 65.10
N LEU F 161 31.52 -16.22 65.61
CA LEU F 161 31.21 -15.89 66.99
C LEU F 161 31.91 -16.84 67.95
#